data_9ME4
#
_entry.id   9ME4
#
_cell.length_a   1.00
_cell.length_b   1.00
_cell.length_c   1.00
_cell.angle_alpha   90.00
_cell.angle_beta   90.00
_cell.angle_gamma   90.00
#
_symmetry.space_group_name_H-M   'P 1'
#
loop_
_entity.id
_entity.type
_entity.pdbx_description
1 polymer 'Type 1 fimbrin D-mannose specific adhesin'
2 polymer 'Protein FimG'
3 polymer 'mAb475 Heavy Chain Fragment'
4 polymer 'mAb824 Heavy Chain Fragment'
5 polymer 'mAb475 Light Chain Fragment'
6 polymer 'mAb824 Light Chain Fragment'
7 branched alpha-D-mannopyranose-(1-3)-[alpha-D-mannopyranose-(1-6)]alpha-D-mannopyranose-(1-4)-2-acetamido-2-deoxy-beta-D-glucopyranose-(1-4)-2-acetamido-2-deoxy-beta-D-glucopyranose
#
loop_
_entity_poly.entity_id
_entity_poly.type
_entity_poly.pdbx_seq_one_letter_code
_entity_poly.pdbx_strand_id
1 'polypeptide(L)'
;MKRVITLFAVLLMGWSVNAWSFACKTANGTAIPIGGGSANVYVNLAPVVNVGQNLVVDLSTQIFCHNDYPETITDYVTLQ
RGSAYGGVLSNFSGTVKYSGSSYPFPTTSETPRVVYNSRTDKPWPVALYLTPVSSAGGVAIKAGSLIAVLILRQTNNYNS
DDFQFVWNIYANNDVVVPTGGCDVSARDVTVTLPDYPGSVPIPLTVYCAKSQNLGYYLSGTTADAGNSIFTNTASFSPAQ
GVGVQLTRNGTIIPANNTVSLGAVGTSAVSLGLTANYARTGGQVTAGNVQSIIGVTFVYQ
;
A
2 'polypeptide(L)'
;MKWCKRGYVLAAILALASATIQAADVTITVNGKVVAKPCTVSTTNATVDLGDLYSFSLMSAGAASAWHDVALELTNCPVG
TSRVTASFSGAADSTGYYKNQGTAQNIQLELQDDSGNTLNTGATKTVQVDDSSQSAHFPLQVRALTVNGGATQGTIQAVI
SITYTYS
;
G
3 'polypeptide(L)'
;QVQLQQSGAELVRPGSSVKISCKASGYAFSSYWMNWVKQRPGQGLEWIGQIYPRDGDTNYNGKFMDKVTLTADKSSNTAY
MQLSSLTSEDSAVYFCEVGRGFYGMDYWGQGTSVTVSSAKTTPPSVYPLAPGSAAQTNSMVTLGCLVKGYFPEPVTVTWN
SGSLSSGVHTFPAVLQSDLYTLSSSVTVPSSPRPSETVTCNVAHPASSTKVDKKI
;
H
4 'polypeptide(L)'
;EIQLQQSGPERMKPGASVKISCKASGYSFTTYYIHWVKQSHGRSLEWIGYIDPFNDDTNYNQKFKGKATLTVDKSSSTAY
MHLSSLTSEDSAVYYCARSYYGSLDYWGQGTTLTVSSAKTTPPSVYPLAPGSAAQTNSMVTLGCLVKGYFPEPVTVTWNS
GSLSSGVHTFPAVLQSDLYTLSSSVTVPSSTWPSETVTCNVAHPASST
;
I
5 'polypeptide(L)'
;ELQMTQSPKFMSTSVGDRVSVTCKASQNVSNVAWYQQKPGQSPKAMIYSASYRYSGVPGRFTGSGSGTDFTLTINNVQSE
DLATYFCQQNSSFPFTFGGGTKLEIKRADAAPTVSIFPPSSEQLTSGGASVVCFLNNFYPKDINVKWKIDGSERQNGVLN
SWTDQDSKDSTYSMSSTLTLTKDEYERHNSYTCEATHKTSTSPIVKSFNRNEC
;
L
6 'polypeptide(L)'
;DIQMTQTTSSLSASLGDRVTISCRASQGVNNYLNWYQQKPDGSVKLLIYYTSNLHSGAPSRFSGSGSGTDYSLTISNLEQ
EDIATYFCQQANMVPWTFGGGTKLEIKRADAAPTVSIFPPSSEQLTSGGASVVCFLNNFYPKDINVKWKIDGSERQNGVL
NSWTDQDSKDSTYSMSSTLTLTKDEYERHNSYTCEAR
;
M
#
# COMPACT_ATOMS: atom_id res chain seq x y z
N PHE A 22 -9.02 16.36 -14.89
CA PHE A 22 -9.04 15.21 -15.78
C PHE A 22 -9.97 15.43 -16.94
N ALA A 23 -9.40 15.53 -18.13
CA ALA A 23 -10.13 15.64 -19.37
C ALA A 23 -9.53 14.69 -20.40
N CYS A 24 -10.35 14.27 -21.35
CA CYS A 24 -9.91 13.38 -22.42
C CYS A 24 -10.19 14.00 -23.77
N LYS A 25 -9.59 13.41 -24.81
CA LYS A 25 -9.87 13.80 -26.19
C LYS A 25 -9.56 12.63 -27.10
N THR A 26 -10.04 12.72 -28.33
CA THR A 26 -9.83 11.68 -29.33
C THR A 26 -8.77 12.11 -30.34
N ALA A 27 -8.49 11.21 -31.29
CA ALA A 27 -7.48 11.48 -32.29
C ALA A 27 -7.91 12.60 -33.24
N ASN A 28 -9.19 12.66 -33.57
CA ASN A 28 -9.72 13.68 -34.46
C ASN A 28 -10.17 14.95 -33.73
N GLY A 29 -9.83 15.07 -32.44
CA GLY A 29 -10.00 16.31 -31.72
C GLY A 29 -11.25 16.43 -30.87
N THR A 30 -12.21 15.51 -30.98
CA THR A 30 -13.39 15.58 -30.14
C THR A 30 -13.00 15.42 -28.68
N ALA A 31 -13.51 16.32 -27.84
CA ALA A 31 -13.03 16.42 -26.48
C ALA A 31 -14.19 16.43 -25.51
N ILE A 32 -13.90 16.01 -24.27
CA ILE A 32 -14.84 16.03 -23.17
C ILE A 32 -14.22 16.86 -22.05
N PRO A 33 -14.88 17.90 -21.56
CA PRO A 33 -14.25 18.79 -20.58
C PRO A 33 -14.27 18.23 -19.16
N ILE A 34 -13.85 19.05 -18.20
CA ILE A 34 -13.85 18.63 -16.81
C ILE A 34 -15.28 18.32 -16.37
N GLY A 35 -15.46 17.18 -15.71
CA GLY A 35 -16.74 16.81 -15.16
C GLY A 35 -17.45 15.65 -15.84
N GLY A 36 -16.99 15.23 -17.01
CA GLY A 36 -17.62 14.15 -17.72
C GLY A 36 -18.34 14.64 -18.96
N GLY A 37 -19.06 13.72 -19.59
CA GLY A 37 -19.81 14.03 -20.79
C GLY A 37 -19.79 12.87 -21.75
N SER A 38 -19.97 13.18 -23.04
CA SER A 38 -20.04 12.18 -24.09
C SER A 38 -19.29 12.67 -25.32
N ALA A 39 -18.99 11.73 -26.22
CA ALA A 39 -18.25 12.01 -27.43
C ALA A 39 -18.46 10.87 -28.41
N ASN A 40 -18.00 11.07 -29.65
CA ASN A 40 -18.09 10.08 -30.70
C ASN A 40 -16.68 9.78 -31.23
N VAL A 41 -16.36 8.50 -31.37
CA VAL A 41 -15.06 8.07 -31.88
C VAL A 41 -15.30 7.27 -33.15
N TYR A 42 -14.68 7.71 -34.25
CA TYR A 42 -14.79 7.06 -35.55
C TYR A 42 -13.47 6.37 -35.84
N VAL A 43 -13.53 5.06 -36.06
CA VAL A 43 -12.33 4.25 -36.23
C VAL A 43 -12.47 3.39 -37.47
N ASN A 44 -11.34 3.07 -38.09
CA ASN A 44 -11.30 2.14 -39.20
C ASN A 44 -11.18 0.73 -38.65
N LEU A 45 -12.12 -0.13 -39.02
CA LEU A 45 -12.12 -1.50 -38.52
C LEU A 45 -11.30 -2.41 -39.44
N ALA A 46 -10.47 -3.25 -38.83
CA ALA A 46 -9.74 -4.30 -39.53
C ALA A 46 -9.85 -5.59 -38.74
N PRO A 47 -11.04 -6.19 -38.71
CA PRO A 47 -11.22 -7.42 -37.92
C PRO A 47 -10.38 -8.57 -38.46
N VAL A 48 -9.91 -9.41 -37.54
CA VAL A 48 -9.14 -10.60 -37.88
C VAL A 48 -9.62 -11.74 -37.01
N VAL A 49 -9.70 -12.93 -37.59
CA VAL A 49 -10.17 -14.11 -36.86
C VAL A 49 -8.99 -14.81 -36.21
N ASN A 50 -9.23 -15.38 -35.04
CA ASN A 50 -8.21 -16.07 -34.27
C ASN A 50 -8.76 -17.39 -33.76
N VAL A 51 -7.89 -18.17 -33.12
CA VAL A 51 -8.27 -19.52 -32.67
C VAL A 51 -9.37 -19.42 -31.62
N GLY A 52 -9.19 -18.55 -30.62
CA GLY A 52 -10.11 -18.50 -29.53
C GLY A 52 -11.24 -17.50 -29.72
N GLN A 53 -10.91 -16.30 -30.17
CA GLN A 53 -11.90 -15.23 -30.26
C GLN A 53 -11.44 -14.19 -31.27
N ASN A 54 -12.38 -13.67 -32.04
CA ASN A 54 -12.11 -12.74 -33.11
C ASN A 54 -11.83 -11.35 -32.55
N LEU A 55 -11.17 -10.53 -33.37
CA LEU A 55 -10.85 -9.15 -33.00
C LEU A 55 -11.83 -8.20 -33.67
N VAL A 56 -12.32 -7.22 -32.91
CA VAL A 56 -13.24 -6.23 -33.45
C VAL A 56 -12.52 -4.91 -33.67
N VAL A 57 -11.98 -4.33 -32.60
CA VAL A 57 -11.30 -3.03 -32.71
C VAL A 57 -10.29 -2.90 -31.60
N ASP A 58 -9.17 -2.26 -31.90
CA ASP A 58 -8.16 -1.85 -30.93
C ASP A 58 -8.26 -0.34 -30.77
N LEU A 59 -8.44 0.12 -29.54
CA LEU A 59 -8.66 1.54 -29.27
C LEU A 59 -7.49 2.15 -28.53
N SER A 60 -6.28 1.69 -28.83
CA SER A 60 -5.07 2.39 -28.42
C SER A 60 -4.77 3.47 -29.44
N THR A 61 -4.25 4.60 -28.97
CA THR A 61 -3.95 5.79 -29.76
C THR A 61 -5.19 6.45 -30.32
N GLN A 62 -6.39 5.97 -29.97
CA GLN A 62 -7.62 6.65 -30.34
C GLN A 62 -8.08 7.65 -29.29
N ILE A 63 -7.90 7.30 -28.01
CA ILE A 63 -8.40 8.10 -26.89
C ILE A 63 -7.23 8.46 -25.99
N PHE A 64 -7.14 9.73 -25.61
CA PHE A 64 -6.06 10.24 -24.78
C PHE A 64 -6.62 11.02 -23.62
N CYS A 65 -6.16 10.71 -22.41
CA CYS A 65 -6.63 11.36 -21.20
C CYS A 65 -5.46 11.91 -20.41
N HIS A 66 -5.70 13.00 -19.69
CA HIS A 66 -4.62 13.64 -18.94
C HIS A 66 -5.16 14.19 -17.63
N ASN A 67 -4.25 14.41 -16.69
CA ASN A 67 -4.57 14.90 -15.36
C ASN A 67 -4.04 16.32 -15.21
N ASP A 68 -4.88 17.22 -14.70
CA ASP A 68 -4.61 18.65 -14.73
C ASP A 68 -3.75 19.15 -13.58
N TYR A 69 -3.75 18.45 -12.44
CA TYR A 69 -3.00 18.86 -11.27
C TYR A 69 -2.18 17.69 -10.75
N PRO A 70 -1.18 17.26 -11.51
CA PRO A 70 -0.44 16.03 -11.15
C PRO A 70 0.30 16.12 -9.83
N GLU A 71 0.72 17.32 -9.41
CA GLU A 71 1.58 17.42 -8.24
C GLU A 71 0.85 17.08 -6.94
N THR A 72 -0.48 17.06 -6.95
CA THR A 72 -1.21 16.79 -5.72
C THR A 72 -2.39 15.82 -5.85
N ILE A 73 -2.87 15.52 -7.06
CA ILE A 73 -4.02 14.66 -7.25
C ILE A 73 -3.65 13.52 -8.18
N THR A 74 -4.11 12.32 -7.86
CA THR A 74 -3.95 11.15 -8.71
C THR A 74 -5.33 10.67 -9.12
N ASP A 75 -5.52 10.46 -10.42
CA ASP A 75 -6.80 10.04 -10.95
C ASP A 75 -6.81 8.54 -11.19
N TYR A 76 -7.93 7.91 -10.86
CA TYR A 76 -8.09 6.47 -11.00
C TYR A 76 -9.19 6.20 -12.01
N VAL A 77 -8.85 5.51 -13.09
CA VAL A 77 -9.72 5.33 -14.24
C VAL A 77 -10.03 3.85 -14.40
N THR A 78 -11.31 3.52 -14.50
CA THR A 78 -11.75 2.14 -14.67
C THR A 78 -12.82 2.07 -15.74
N LEU A 79 -12.99 0.88 -16.29
CA LEU A 79 -14.06 0.61 -17.24
C LEU A 79 -15.30 0.21 -16.45
N GLN A 80 -16.26 1.11 -16.32
CA GLN A 80 -17.40 0.92 -15.46
C GLN A 80 -18.38 -0.10 -16.05
N ARG A 81 -19.14 -0.74 -15.17
CA ARG A 81 -20.16 -1.70 -15.59
C ARG A 81 -21.21 -1.03 -16.47
N GLY A 82 -21.78 -1.82 -17.36
CA GLY A 82 -22.72 -1.32 -18.34
C GLY A 82 -22.14 -1.13 -19.73
N SER A 83 -20.83 -1.25 -19.89
CA SER A 83 -20.22 -1.19 -21.22
C SER A 83 -20.61 -2.42 -22.03
N ALA A 84 -20.94 -2.22 -23.29
CA ALA A 84 -21.40 -3.33 -24.12
C ALA A 84 -21.28 -2.95 -25.59
N TYR A 85 -21.66 -3.89 -26.44
CA TYR A 85 -21.69 -3.65 -27.89
C TYR A 85 -22.98 -2.95 -28.27
N GLY A 86 -22.86 -1.89 -29.05
CA GLY A 86 -24.00 -1.15 -29.56
C GLY A 86 -24.22 -1.43 -31.04
N GLY A 87 -25.34 -0.93 -31.54
CA GLY A 87 -25.66 -1.15 -32.93
C GLY A 87 -26.13 -2.57 -33.18
N VAL A 88 -25.80 -3.08 -34.37
CA VAL A 88 -26.21 -4.41 -34.76
C VAL A 88 -25.55 -5.50 -33.93
N LEU A 89 -24.39 -5.21 -33.34
CA LEU A 89 -23.65 -6.17 -32.55
C LEU A 89 -24.18 -6.33 -31.13
N SER A 90 -25.34 -5.74 -30.82
CA SER A 90 -25.86 -5.67 -29.43
C SER A 90 -26.11 -7.02 -28.74
N ASN A 91 -25.94 -8.14 -29.44
CA ASN A 91 -26.24 -9.44 -28.86
C ASN A 91 -25.02 -10.32 -28.69
N PHE A 92 -23.82 -9.79 -28.89
CA PHE A 92 -22.61 -10.59 -28.86
C PHE A 92 -21.78 -10.27 -27.62
N SER A 93 -21.18 -11.32 -27.06
CA SER A 93 -20.35 -11.22 -25.86
C SER A 93 -18.93 -11.63 -26.18
N GLY A 94 -17.99 -11.09 -25.43
CA GLY A 94 -16.58 -11.39 -25.65
C GLY A 94 -15.72 -11.10 -24.45
N THR A 95 -14.50 -10.62 -24.68
CA THR A 95 -13.62 -10.16 -23.63
C THR A 95 -13.05 -8.81 -24.01
N VAL A 96 -12.44 -8.15 -23.03
CA VAL A 96 -11.86 -6.83 -23.24
C VAL A 96 -10.46 -6.81 -22.63
N LYS A 97 -9.50 -6.31 -23.40
CA LYS A 97 -8.13 -6.15 -22.91
C LYS A 97 -8.03 -4.82 -22.16
N TYR A 98 -7.72 -4.88 -20.87
CA TYR A 98 -7.64 -3.65 -20.08
C TYR A 98 -6.49 -3.76 -19.08
N SER A 99 -5.39 -3.07 -19.38
CA SER A 99 -4.32 -2.81 -18.43
C SER A 99 -3.68 -4.09 -17.87
N GLY A 100 -3.63 -5.14 -18.68
CA GLY A 100 -2.90 -6.34 -18.31
C GLY A 100 -3.68 -7.63 -18.34
N SER A 101 -4.99 -7.65 -18.54
CA SER A 101 -5.73 -8.91 -18.56
C SER A 101 -6.97 -8.76 -19.40
N SER A 102 -7.78 -9.82 -19.45
CA SER A 102 -8.91 -9.92 -20.34
C SER A 102 -10.15 -10.35 -19.56
N TYR A 103 -11.09 -9.43 -19.43
CA TYR A 103 -12.27 -9.63 -18.59
C TYR A 103 -13.49 -9.84 -19.47
N PRO A 104 -14.51 -10.53 -18.96
CA PRO A 104 -15.70 -10.76 -19.78
C PRO A 104 -16.37 -9.45 -20.22
N PHE A 105 -16.93 -9.49 -21.42
CA PHE A 105 -17.60 -8.37 -22.03
C PHE A 105 -18.99 -8.85 -22.49
N PRO A 106 -20.06 -8.11 -22.20
CA PRO A 106 -20.16 -6.80 -21.53
C PRO A 106 -19.73 -6.84 -20.08
N THR A 107 -19.22 -5.73 -19.54
CA THR A 107 -18.65 -5.76 -18.21
C THR A 107 -19.79 -5.71 -17.18
N THR A 108 -19.98 -6.82 -16.47
CA THR A 108 -20.93 -6.89 -15.37
C THR A 108 -20.34 -6.42 -14.05
N SER A 109 -19.04 -6.16 -14.01
CA SER A 109 -18.39 -5.66 -12.81
C SER A 109 -17.27 -4.73 -13.23
N GLU A 110 -16.88 -3.84 -12.32
CA GLU A 110 -15.85 -2.86 -12.62
C GLU A 110 -14.49 -3.54 -12.78
N THR A 111 -13.64 -2.91 -13.58
CA THR A 111 -12.29 -3.37 -13.85
C THR A 111 -11.30 -2.71 -12.90
N PRO A 112 -10.10 -3.27 -12.77
CA PRO A 112 -9.09 -2.63 -11.92
C PRO A 112 -8.70 -1.24 -12.43
N ARG A 113 -7.90 -0.56 -11.62
CA ARG A 113 -7.61 0.85 -11.81
C ARG A 113 -6.49 1.09 -12.81
N VAL A 114 -6.54 2.25 -13.46
CA VAL A 114 -5.43 2.80 -14.22
C VAL A 114 -5.14 4.19 -13.67
N VAL A 115 -3.88 4.45 -13.36
CA VAL A 115 -3.48 5.71 -12.74
C VAL A 115 -2.99 6.66 -13.82
N TYR A 116 -3.58 7.86 -13.85
CA TYR A 116 -3.12 8.92 -14.74
C TYR A 116 -2.37 9.94 -13.92
N ASN A 117 -1.20 10.35 -14.40
CA ASN A 117 -0.17 10.92 -13.55
C ASN A 117 0.42 12.24 -14.04
N SER A 118 0.24 12.61 -15.30
CA SER A 118 0.92 13.79 -15.82
C SER A 118 0.04 14.52 -16.81
N ARG A 119 0.42 15.77 -17.08
CA ARG A 119 -0.36 16.62 -17.99
C ARG A 119 -0.25 16.14 -19.43
N THR A 120 0.89 15.57 -19.80
CA THR A 120 1.05 15.02 -21.14
C THR A 120 0.01 13.93 -21.39
N ASP A 121 -0.67 14.02 -22.53
CA ASP A 121 -1.73 13.07 -22.81
C ASP A 121 -1.18 11.66 -22.91
N LYS A 122 -1.95 10.70 -22.37
CA LYS A 122 -1.61 9.29 -22.38
C LYS A 122 -2.78 8.50 -22.93
N PRO A 123 -2.52 7.37 -23.59
CA PRO A 123 -3.61 6.62 -24.21
C PRO A 123 -4.49 5.94 -23.18
N TRP A 124 -5.70 5.63 -23.61
CA TRP A 124 -6.60 4.77 -22.84
C TRP A 124 -6.73 3.45 -23.59
N PRO A 125 -5.74 2.57 -23.49
CA PRO A 125 -5.74 1.37 -24.35
C PRO A 125 -6.84 0.40 -23.98
N VAL A 126 -7.73 0.16 -24.94
CA VAL A 126 -8.84 -0.77 -24.79
C VAL A 126 -8.97 -1.56 -26.09
N ALA A 127 -9.13 -2.88 -25.98
CA ALA A 127 -9.34 -3.71 -27.14
C ALA A 127 -10.52 -4.64 -26.86
N LEU A 128 -11.35 -4.84 -27.89
CA LEU A 128 -12.56 -5.62 -27.75
C LEU A 128 -12.47 -6.86 -28.63
N TYR A 129 -12.79 -8.01 -28.05
CA TYR A 129 -12.80 -9.29 -28.76
C TYR A 129 -14.20 -9.87 -28.72
N LEU A 130 -14.45 -10.84 -29.61
CA LEU A 130 -15.76 -11.42 -29.77
C LEU A 130 -15.66 -12.94 -29.69
N THR A 131 -16.52 -13.54 -28.89
CA THR A 131 -16.53 -15.00 -28.76
C THR A 131 -17.24 -15.61 -29.96
N PRO A 132 -16.60 -16.49 -30.71
CA PRO A 132 -17.26 -17.09 -31.88
C PRO A 132 -18.52 -17.84 -31.50
N VAL A 133 -19.53 -17.75 -32.36
CA VAL A 133 -20.80 -18.44 -32.14
C VAL A 133 -21.25 -19.25 -33.35
N SER A 134 -20.61 -19.14 -34.51
CA SER A 134 -21.05 -19.82 -35.71
C SER A 134 -19.86 -20.52 -36.37
N SER A 135 -20.09 -21.04 -37.58
CA SER A 135 -19.06 -21.74 -38.34
C SER A 135 -18.26 -20.78 -39.20
N ALA A 136 -18.92 -20.04 -40.09
CA ALA A 136 -18.25 -19.02 -40.90
C ALA A 136 -19.09 -17.75 -41.03
N GLY A 137 -19.89 -17.43 -40.02
CA GLY A 137 -20.82 -16.33 -40.11
C GLY A 137 -20.16 -14.97 -40.09
N GLY A 138 -20.96 -13.96 -40.39
CA GLY A 138 -20.49 -12.59 -40.37
C GLY A 138 -21.65 -11.63 -40.17
N VAL A 139 -21.31 -10.40 -39.84
CA VAL A 139 -22.26 -9.32 -39.67
C VAL A 139 -21.76 -8.10 -40.45
N ALA A 140 -22.63 -7.52 -41.25
CA ALA A 140 -22.26 -6.40 -42.11
C ALA A 140 -22.42 -5.09 -41.34
N ILE A 141 -21.34 -4.32 -41.24
CA ILE A 141 -21.34 -3.05 -40.56
C ILE A 141 -21.34 -1.94 -41.61
N LYS A 142 -22.41 -1.16 -41.66
CA LYS A 142 -22.45 0.00 -42.55
C LYS A 142 -21.57 1.10 -41.99
N ALA A 143 -21.04 1.93 -42.88
CA ALA A 143 -20.17 3.02 -42.44
C ALA A 143 -20.96 4.02 -41.60
N GLY A 144 -20.27 4.60 -40.62
CA GLY A 144 -20.95 5.50 -39.69
C GLY A 144 -22.01 4.81 -38.85
N SER A 145 -21.70 3.65 -38.31
CA SER A 145 -22.63 2.89 -37.50
C SER A 145 -21.99 2.54 -36.16
N LEU A 146 -22.76 2.67 -35.09
CA LEU A 146 -22.25 2.42 -33.75
C LEU A 146 -21.97 0.94 -33.54
N ILE A 147 -20.86 0.63 -32.86
CA ILE A 147 -20.47 -0.74 -32.54
C ILE A 147 -20.42 -0.98 -31.04
N ALA A 148 -19.82 -0.06 -30.29
CA ALA A 148 -19.63 -0.26 -28.87
C ALA A 148 -19.84 1.05 -28.13
N VAL A 149 -20.22 0.93 -26.86
CA VAL A 149 -20.32 2.05 -25.93
C VAL A 149 -19.46 1.72 -24.72
N LEU A 150 -18.54 2.61 -24.39
CA LEU A 150 -17.58 2.39 -23.30
C LEU A 150 -17.70 3.52 -22.30
N ILE A 151 -17.98 3.17 -21.04
CA ILE A 151 -18.13 4.13 -19.96
C ILE A 151 -16.84 4.19 -19.18
N LEU A 152 -16.23 5.36 -19.12
CA LEU A 152 -15.01 5.59 -18.36
C LEU A 152 -15.38 6.29 -17.05
N ARG A 153 -14.93 5.73 -15.93
CA ARG A 153 -15.23 6.27 -14.62
C ARG A 153 -13.95 6.82 -14.01
N GLN A 154 -13.99 8.09 -13.60
CA GLN A 154 -12.82 8.76 -13.04
C GLN A 154 -13.14 9.23 -11.63
N THR A 155 -12.39 8.73 -10.66
CA THR A 155 -12.34 9.26 -9.31
C THR A 155 -10.91 9.72 -9.03
N ASN A 156 -10.66 10.21 -7.83
CA ASN A 156 -9.35 10.70 -7.47
C ASN A 156 -9.09 10.39 -6.00
N ASN A 157 -8.02 10.97 -5.46
CA ASN A 157 -7.74 10.87 -4.04
C ASN A 157 -7.80 12.25 -3.41
N TYR A 158 -8.75 13.06 -3.81
CA TYR A 158 -8.84 14.43 -3.33
C TYR A 158 -10.20 14.78 -2.75
N ASN A 159 -11.29 14.33 -3.37
CA ASN A 159 -12.63 14.64 -2.90
C ASN A 159 -13.62 13.66 -3.52
N SER A 160 -14.91 13.97 -3.41
CA SER A 160 -15.99 13.06 -3.78
C SER A 160 -16.24 12.99 -5.28
N ASP A 161 -15.36 13.52 -6.11
CA ASP A 161 -15.58 13.49 -7.55
C ASP A 161 -15.70 12.06 -8.05
N ASP A 162 -16.74 11.82 -8.85
CA ASP A 162 -17.00 10.49 -9.41
C ASP A 162 -17.78 10.71 -10.71
N PHE A 163 -17.07 10.68 -11.83
CA PHE A 163 -17.59 11.15 -13.11
C PHE A 163 -17.60 10.04 -14.15
N GLN A 164 -18.45 10.18 -15.15
CA GLN A 164 -18.60 9.21 -16.22
C GLN A 164 -18.30 9.87 -17.56
N PHE A 165 -17.43 9.24 -18.33
CA PHE A 165 -17.14 9.63 -19.71
C PHE A 165 -17.63 8.52 -20.61
N VAL A 166 -18.65 8.81 -21.42
CA VAL A 166 -19.29 7.81 -22.27
C VAL A 166 -18.78 7.99 -23.70
N TRP A 167 -18.16 6.94 -24.23
CA TRP A 167 -17.57 6.97 -25.57
C TRP A 167 -18.38 6.07 -26.48
N ASN A 168 -18.85 6.63 -27.59
CA ASN A 168 -19.56 5.87 -28.61
C ASN A 168 -18.62 5.62 -29.77
N ILE A 169 -18.38 4.35 -30.08
CA ILE A 169 -17.47 3.95 -31.13
C ILE A 169 -18.28 3.70 -32.39
N TYR A 170 -17.90 4.37 -33.47
CA TYR A 170 -18.58 4.28 -34.76
C TYR A 170 -17.63 3.75 -35.81
N ALA A 171 -18.14 2.90 -36.70
CA ALA A 171 -17.34 2.35 -37.77
C ALA A 171 -17.15 3.41 -38.86
N ASN A 172 -15.90 3.70 -39.19
CA ASN A 172 -15.59 4.68 -40.21
C ASN A 172 -15.63 4.09 -41.62
N ASN A 173 -15.75 2.77 -41.75
CA ASN A 173 -15.75 2.12 -43.04
C ASN A 173 -16.61 0.88 -43.01
N ASP A 174 -17.03 0.43 -44.18
CA ASP A 174 -17.91 -0.73 -44.30
C ASP A 174 -17.07 -2.01 -44.30
N VAL A 175 -17.27 -2.85 -43.28
CA VAL A 175 -16.56 -4.11 -43.13
C VAL A 175 -17.54 -5.17 -42.66
N VAL A 176 -17.08 -6.42 -42.69
CA VAL A 176 -17.85 -7.55 -42.16
C VAL A 176 -17.04 -8.14 -41.01
N VAL A 177 -17.66 -8.25 -39.85
CA VAL A 177 -17.03 -8.80 -38.66
C VAL A 177 -17.38 -10.28 -38.59
N PRO A 178 -16.41 -11.20 -38.63
CA PRO A 178 -16.74 -12.62 -38.56
C PRO A 178 -17.28 -13.00 -37.20
N THR A 179 -18.31 -13.84 -37.20
CA THR A 179 -18.86 -14.40 -35.97
C THR A 179 -18.53 -15.87 -35.81
N GLY A 180 -17.61 -16.40 -36.60
CA GLY A 180 -17.30 -17.81 -36.54
C GLY A 180 -15.82 -18.12 -36.38
N GLY A 181 -15.45 -19.37 -36.63
CA GLY A 181 -14.07 -19.79 -36.51
C GLY A 181 -13.31 -19.75 -37.81
N CYS A 182 -14.02 -19.76 -38.92
CA CYS A 182 -13.40 -19.73 -40.23
C CYS A 182 -13.63 -18.37 -40.89
N ASP A 183 -13.13 -18.22 -42.11
CA ASP A 183 -13.22 -16.97 -42.84
C ASP A 183 -13.17 -17.25 -44.33
N VAL A 184 -13.63 -16.29 -45.13
CA VAL A 184 -13.70 -16.45 -46.58
C VAL A 184 -12.94 -15.32 -47.24
N SER A 185 -12.51 -15.57 -48.49
CA SER A 185 -11.70 -14.59 -49.20
C SER A 185 -12.50 -13.34 -49.56
N ALA A 186 -13.68 -13.52 -50.13
CA ALA A 186 -14.55 -12.39 -50.48
C ALA A 186 -15.96 -12.70 -50.04
N ARG A 187 -16.58 -11.74 -49.34
CA ARG A 187 -17.95 -11.93 -48.90
C ARG A 187 -18.94 -11.76 -50.05
N ASP A 188 -18.57 -11.00 -51.08
CA ASP A 188 -19.35 -10.90 -52.30
C ASP A 188 -18.42 -11.20 -53.47
N VAL A 189 -18.76 -12.21 -54.25
CA VAL A 189 -17.94 -12.64 -55.38
C VAL A 189 -18.74 -12.42 -56.66
N THR A 190 -18.14 -11.75 -57.63
CA THR A 190 -18.76 -11.50 -58.92
C THR A 190 -17.98 -12.23 -60.00
N VAL A 191 -18.66 -13.05 -60.79
CA VAL A 191 -18.05 -13.77 -61.90
C VAL A 191 -18.91 -13.55 -63.13
N THR A 192 -18.28 -13.53 -64.30
CA THR A 192 -18.96 -13.31 -65.56
C THR A 192 -18.83 -14.55 -66.44
N LEU A 193 -19.96 -15.04 -66.93
CA LEU A 193 -19.96 -16.17 -67.84
C LEU A 193 -19.63 -15.73 -69.26
N PRO A 194 -19.04 -16.62 -70.06
CA PRO A 194 -19.03 -16.42 -71.51
C PRO A 194 -20.41 -16.67 -72.09
N ASP A 195 -20.57 -16.29 -73.35
CA ASP A 195 -21.86 -16.47 -74.02
C ASP A 195 -22.19 -17.95 -74.13
N TYR A 196 -23.48 -18.26 -74.04
CA TYR A 196 -23.92 -19.65 -73.99
C TYR A 196 -23.54 -20.38 -75.27
N PRO A 197 -23.04 -21.61 -75.18
CA PRO A 197 -22.71 -22.37 -73.97
C PRO A 197 -21.35 -22.00 -73.41
N GLY A 198 -21.08 -22.27 -72.15
CA GLY A 198 -19.80 -21.91 -71.57
C GLY A 198 -19.81 -22.14 -70.07
N SER A 199 -18.67 -21.84 -69.46
CA SER A 199 -18.49 -21.98 -68.02
C SER A 199 -17.26 -21.17 -67.63
N VAL A 200 -17.12 -20.92 -66.33
CA VAL A 200 -15.99 -20.19 -65.78
C VAL A 200 -15.84 -20.53 -64.31
N PRO A 201 -14.63 -20.73 -63.81
CA PRO A 201 -14.45 -21.02 -62.38
C PRO A 201 -14.74 -19.82 -61.51
N ILE A 202 -15.00 -20.11 -60.24
CA ILE A 202 -15.35 -19.11 -59.22
C ILE A 202 -14.18 -19.00 -58.25
N PRO A 203 -13.59 -17.83 -58.08
CA PRO A 203 -12.46 -17.66 -57.14
C PRO A 203 -12.89 -17.44 -55.69
N LEU A 204 -13.22 -18.54 -55.01
CA LEU A 204 -13.69 -18.51 -53.64
C LEU A 204 -12.88 -19.50 -52.80
N THR A 205 -12.25 -19.01 -51.73
CA THR A 205 -11.45 -19.86 -50.85
C THR A 205 -11.84 -19.60 -49.40
N VAL A 206 -11.66 -20.64 -48.58
CA VAL A 206 -12.02 -20.59 -47.17
C VAL A 206 -10.85 -21.13 -46.34
N TYR A 207 -10.71 -20.60 -45.13
CA TYR A 207 -9.68 -21.05 -44.21
C TYR A 207 -10.18 -20.90 -42.78
N CYS A 208 -9.54 -21.61 -41.86
CA CYS A 208 -9.93 -21.60 -40.46
C CYS A 208 -8.68 -21.47 -39.59
N ALA A 209 -8.88 -21.00 -38.36
CA ALA A 209 -7.76 -20.71 -37.48
C ALA A 209 -7.10 -21.97 -36.94
N LYS A 210 -7.84 -23.08 -36.88
CA LYS A 210 -7.27 -24.37 -36.52
C LYS A 210 -8.01 -25.45 -37.28
N SER A 211 -7.43 -26.64 -37.29
CA SER A 211 -7.99 -27.75 -38.06
C SER A 211 -9.40 -28.06 -37.63
N GLN A 212 -10.34 -27.90 -38.56
CA GLN A 212 -11.76 -28.14 -38.29
C GLN A 212 -12.35 -28.91 -39.46
N ASN A 213 -13.24 -29.85 -39.15
CA ASN A 213 -13.90 -30.65 -40.18
C ASN A 213 -15.03 -29.82 -40.78
N LEU A 214 -14.72 -29.08 -41.84
CA LEU A 214 -15.60 -28.05 -42.38
C LEU A 214 -16.32 -28.55 -43.62
N GLY A 215 -17.55 -28.08 -43.80
CA GLY A 215 -18.33 -28.38 -44.98
C GLY A 215 -19.22 -27.21 -45.31
N TYR A 216 -19.88 -27.29 -46.47
CA TYR A 216 -20.75 -26.19 -46.90
C TYR A 216 -21.88 -26.73 -47.77
N TYR A 217 -22.90 -25.89 -47.93
CA TYR A 217 -24.05 -26.21 -48.76
C TYR A 217 -24.61 -24.91 -49.32
N LEU A 218 -25.38 -25.04 -50.40
CA LEU A 218 -25.89 -23.88 -51.12
C LEU A 218 -27.37 -23.69 -50.82
N SER A 219 -27.81 -22.42 -50.88
CA SER A 219 -29.20 -22.06 -50.66
C SER A 219 -29.64 -21.08 -51.73
N GLY A 220 -30.75 -21.38 -52.39
CA GLY A 220 -31.24 -20.51 -53.43
C GLY A 220 -32.54 -21.03 -53.99
N THR A 221 -33.11 -20.25 -54.91
CA THR A 221 -34.40 -20.58 -55.52
C THR A 221 -34.16 -21.56 -56.67
N THR A 222 -34.21 -22.84 -56.34
CA THR A 222 -34.10 -23.88 -57.34
C THR A 222 -35.30 -23.84 -58.27
N ALA A 223 -35.08 -24.18 -59.54
CA ALA A 223 -36.12 -24.14 -60.56
C ALA A 223 -36.43 -25.50 -61.17
N ASP A 224 -35.88 -26.58 -60.61
CA ASP A 224 -36.05 -27.91 -61.18
C ASP A 224 -36.50 -28.89 -60.11
N ALA A 225 -37.17 -29.96 -60.55
CA ALA A 225 -37.56 -31.01 -59.63
C ALA A 225 -36.34 -31.73 -59.06
N GLY A 226 -35.26 -31.81 -59.82
CA GLY A 226 -34.03 -32.41 -59.32
C GLY A 226 -33.24 -31.54 -58.38
N ASN A 227 -33.64 -30.29 -58.20
CA ASN A 227 -33.00 -29.36 -57.26
C ASN A 227 -31.53 -29.16 -57.60
N SER A 228 -31.26 -28.82 -58.86
CA SER A 228 -29.89 -28.58 -59.30
C SER A 228 -29.76 -27.37 -60.23
N ILE A 229 -30.83 -26.63 -60.47
CA ILE A 229 -30.79 -25.47 -61.35
C ILE A 229 -31.43 -24.28 -60.63
N PHE A 230 -30.72 -23.15 -60.62
CA PHE A 230 -31.21 -21.94 -59.98
C PHE A 230 -31.99 -21.10 -60.97
N THR A 231 -33.07 -20.49 -60.50
CA THR A 231 -33.94 -19.69 -61.35
C THR A 231 -33.19 -18.48 -61.89
N ASN A 232 -33.42 -18.18 -63.17
CA ASN A 232 -32.89 -16.97 -63.77
C ASN A 232 -33.74 -15.78 -63.35
N THR A 233 -33.13 -14.80 -62.70
CA THR A 233 -33.82 -13.64 -62.16
C THR A 233 -33.32 -12.36 -62.81
N ALA A 234 -33.19 -12.37 -64.13
CA ALA A 234 -32.72 -11.19 -64.84
C ALA A 234 -33.71 -10.03 -64.68
N SER A 235 -33.18 -8.85 -64.39
CA SER A 235 -34.03 -7.68 -64.21
C SER A 235 -34.53 -7.10 -65.53
N PHE A 236 -33.74 -7.20 -66.60
CA PHE A 236 -34.09 -6.58 -67.87
C PHE A 236 -33.81 -7.55 -69.00
N SER A 237 -34.78 -7.68 -69.92
CA SER A 237 -34.71 -8.55 -71.09
C SER A 237 -34.27 -9.95 -70.72
N PRO A 238 -35.07 -10.69 -69.93
CA PRO A 238 -34.62 -12.01 -69.48
C PRO A 238 -34.82 -13.08 -70.55
N ALA A 239 -33.78 -13.88 -70.78
CA ALA A 239 -33.92 -15.07 -71.60
C ALA A 239 -34.63 -16.16 -70.80
N GLN A 240 -35.34 -17.03 -71.52
CA GLN A 240 -36.15 -18.05 -70.89
C GLN A 240 -35.68 -19.43 -71.32
N GLY A 241 -35.76 -20.38 -70.39
CA GLY A 241 -35.38 -21.76 -70.65
C GLY A 241 -34.00 -22.15 -70.15
N VAL A 242 -33.30 -21.27 -69.44
CA VAL A 242 -31.95 -21.56 -68.97
C VAL A 242 -31.75 -20.90 -67.61
N GLY A 243 -31.15 -21.65 -66.69
CA GLY A 243 -30.83 -21.19 -65.35
C GLY A 243 -29.33 -21.17 -65.12
N VAL A 244 -28.94 -21.40 -63.88
CA VAL A 244 -27.54 -21.47 -63.49
C VAL A 244 -27.34 -22.75 -62.68
N GLN A 245 -26.29 -23.50 -63.02
CA GLN A 245 -25.96 -24.75 -62.35
C GLN A 245 -24.47 -24.76 -62.02
N LEU A 246 -24.14 -25.20 -60.80
CA LEU A 246 -22.76 -25.23 -60.34
C LEU A 246 -22.23 -26.65 -60.30
N THR A 247 -20.94 -26.79 -60.58
CA THR A 247 -20.26 -28.08 -60.56
C THR A 247 -19.03 -27.99 -59.67
N ARG A 248 -18.82 -29.02 -58.86
CA ARG A 248 -17.62 -29.16 -58.04
C ARG A 248 -16.79 -30.30 -58.62
N ASN A 249 -15.63 -29.97 -59.17
CA ASN A 249 -14.74 -30.95 -59.79
C ASN A 249 -15.46 -31.74 -60.88
N GLY A 250 -16.31 -31.05 -61.65
CA GLY A 250 -17.02 -31.67 -62.73
C GLY A 250 -18.26 -32.45 -62.34
N THR A 251 -18.70 -32.36 -61.10
CA THR A 251 -19.88 -33.06 -60.62
C THR A 251 -20.96 -32.07 -60.22
N ILE A 252 -22.20 -32.38 -60.58
CA ILE A 252 -23.33 -31.51 -60.28
C ILE A 252 -23.64 -31.58 -58.79
N ILE A 253 -23.73 -30.41 -58.15
CA ILE A 253 -24.06 -30.29 -56.74
C ILE A 253 -25.52 -29.87 -56.63
N PRO A 254 -26.40 -30.70 -56.10
CA PRO A 254 -27.75 -30.24 -55.78
C PRO A 254 -27.71 -29.21 -54.66
N ALA A 255 -28.77 -28.40 -54.59
CA ALA A 255 -28.81 -27.23 -53.74
C ALA A 255 -28.44 -27.50 -52.29
N ASN A 256 -29.23 -28.33 -51.60
CA ASN A 256 -29.12 -28.45 -50.15
C ASN A 256 -28.34 -29.68 -49.69
N ASN A 257 -27.70 -30.39 -50.61
CA ASN A 257 -26.87 -31.52 -50.25
C ASN A 257 -25.53 -31.02 -49.74
N THR A 258 -25.17 -31.40 -48.51
CA THR A 258 -23.95 -30.90 -47.89
C THR A 258 -22.72 -31.43 -48.62
N VAL A 259 -21.71 -30.56 -48.76
CA VAL A 259 -20.47 -30.89 -49.44
C VAL A 259 -19.34 -30.84 -48.42
N SER A 260 -18.60 -31.93 -48.32
CA SER A 260 -17.55 -32.08 -47.32
C SER A 260 -16.22 -31.63 -47.89
N LEU A 261 -15.48 -30.82 -47.12
CA LEU A 261 -14.17 -30.35 -47.52
C LEU A 261 -13.03 -31.03 -46.79
N GLY A 262 -13.33 -31.84 -45.77
CA GLY A 262 -12.29 -32.42 -44.97
C GLY A 262 -11.73 -31.42 -43.97
N ALA A 263 -10.56 -31.75 -43.45
CA ALA A 263 -9.89 -30.86 -42.52
C ALA A 263 -9.35 -29.64 -43.25
N VAL A 264 -9.59 -28.46 -42.67
CA VAL A 264 -9.14 -27.20 -43.24
C VAL A 264 -8.32 -26.46 -42.19
N GLY A 265 -7.13 -26.00 -42.58
CA GLY A 265 -6.27 -25.29 -41.66
C GLY A 265 -5.99 -23.87 -42.10
N THR A 266 -4.90 -23.28 -41.59
CA THR A 266 -4.57 -21.90 -41.92
C THR A 266 -4.33 -21.70 -43.40
N SER A 267 -3.88 -22.73 -44.12
CA SER A 267 -3.71 -22.63 -45.56
C SER A 267 -5.08 -22.52 -46.24
N ALA A 268 -5.22 -21.56 -47.14
CA ALA A 268 -6.48 -21.37 -47.84
C ALA A 268 -6.77 -22.57 -48.73
N VAL A 269 -7.98 -23.09 -48.63
CA VAL A 269 -8.41 -24.26 -49.40
C VAL A 269 -9.51 -23.81 -50.34
N SER A 270 -9.31 -24.02 -51.64
CA SER A 270 -10.28 -23.59 -52.62
C SER A 270 -11.54 -24.46 -52.58
N LEU A 271 -12.68 -23.82 -52.86
CA LEU A 271 -13.93 -24.55 -52.98
C LEU A 271 -14.01 -25.32 -54.29
N GLY A 272 -13.40 -24.81 -55.35
CA GLY A 272 -13.45 -25.46 -56.63
C GLY A 272 -14.76 -25.32 -57.37
N LEU A 273 -15.56 -24.31 -57.05
CA LEU A 273 -16.87 -24.15 -57.67
C LEU A 273 -16.73 -23.62 -59.09
N THR A 274 -17.61 -24.10 -59.97
CA THR A 274 -17.70 -23.65 -61.34
C THR A 274 -19.15 -23.48 -61.72
N ALA A 275 -19.47 -22.39 -62.40
CA ALA A 275 -20.82 -22.11 -62.84
C ALA A 275 -20.98 -22.50 -64.30
N ASN A 276 -22.15 -23.08 -64.62
CA ASN A 276 -22.40 -23.58 -65.97
C ASN A 276 -23.79 -23.14 -66.42
N TYR A 277 -24.08 -23.45 -67.69
CA TYR A 277 -25.42 -23.26 -68.22
C TYR A 277 -26.24 -24.53 -68.07
N ALA A 278 -27.50 -24.38 -67.67
CA ALA A 278 -28.40 -25.51 -67.51
C ALA A 278 -29.77 -25.15 -68.08
N ARG A 279 -30.33 -26.07 -68.86
CA ARG A 279 -31.64 -25.85 -69.47
C ARG A 279 -32.74 -26.31 -68.54
N THR A 280 -33.75 -25.47 -68.35
CA THR A 280 -34.89 -25.77 -67.50
C THR A 280 -36.03 -26.44 -68.26
N GLY A 281 -35.83 -26.73 -69.54
CA GLY A 281 -36.87 -27.35 -70.34
C GLY A 281 -37.52 -26.33 -71.28
N GLY A 282 -38.00 -26.84 -72.42
CA GLY A 282 -38.63 -26.00 -73.41
C GLY A 282 -37.61 -25.27 -74.28
N GLN A 283 -38.14 -24.46 -75.20
CA GLN A 283 -37.30 -23.69 -76.09
C GLN A 283 -36.56 -22.60 -75.32
N VAL A 284 -35.33 -22.33 -75.74
CA VAL A 284 -34.46 -21.35 -75.11
C VAL A 284 -34.37 -20.11 -75.98
N THR A 285 -34.58 -18.95 -75.39
CA THR A 285 -34.55 -17.68 -76.09
C THR A 285 -33.28 -16.91 -75.74
N ALA A 286 -33.11 -15.77 -76.41
CA ALA A 286 -31.96 -14.92 -76.17
C ALA A 286 -32.31 -13.81 -75.18
N GLY A 287 -31.34 -13.42 -74.38
CA GLY A 287 -31.55 -12.41 -73.37
C GLY A 287 -30.47 -12.52 -72.30
N ASN A 288 -30.77 -11.93 -71.15
CA ASN A 288 -29.81 -11.87 -70.05
C ASN A 288 -30.08 -12.98 -69.04
N VAL A 289 -29.01 -13.42 -68.38
CA VAL A 289 -29.08 -14.44 -67.35
C VAL A 289 -28.38 -13.94 -66.11
N GLN A 290 -29.02 -14.09 -64.96
CA GLN A 290 -28.41 -13.73 -63.69
C GLN A 290 -29.07 -14.55 -62.59
N SER A 291 -28.26 -15.06 -61.66
CA SER A 291 -28.78 -15.79 -60.52
C SER A 291 -27.98 -15.44 -59.28
N ILE A 292 -28.62 -15.56 -58.13
CA ILE A 292 -28.03 -15.24 -56.84
C ILE A 292 -27.90 -16.54 -56.06
N ILE A 293 -26.69 -16.85 -55.61
CA ILE A 293 -26.39 -18.09 -54.93
C ILE A 293 -25.65 -17.76 -53.64
N GLY A 294 -26.10 -18.35 -52.54
CA GLY A 294 -25.49 -18.14 -51.23
C GLY A 294 -24.85 -19.41 -50.73
N VAL A 295 -23.68 -19.27 -50.10
CA VAL A 295 -22.89 -20.41 -49.63
C VAL A 295 -22.85 -20.36 -48.10
N THR A 296 -23.26 -21.45 -47.47
CA THR A 296 -23.34 -21.55 -46.02
C THR A 296 -22.44 -22.68 -45.53
N PHE A 297 -21.55 -22.37 -44.59
CA PHE A 297 -20.60 -23.34 -44.07
C PHE A 297 -21.08 -23.88 -42.73
N VAL A 298 -20.80 -25.18 -42.50
CA VAL A 298 -21.18 -25.85 -41.27
C VAL A 298 -20.01 -26.68 -40.77
N TYR A 299 -20.04 -26.99 -39.47
CA TYR A 299 -19.11 -27.92 -38.89
C TYR A 299 -19.56 -29.35 -39.11
N GLN A 300 -18.60 -30.27 -39.21
CA GLN A 300 -18.90 -31.66 -39.45
C GLN A 300 -18.25 -32.56 -38.41
N ALA B 24 -26.61 -16.96 -45.11
CA ALA B 24 -25.81 -16.94 -46.32
C ALA B 24 -24.49 -16.23 -46.07
N ASP B 25 -23.44 -17.01 -45.78
CA ASP B 25 -22.15 -16.43 -45.45
C ASP B 25 -21.56 -15.68 -46.64
N VAL B 26 -21.62 -16.28 -47.82
CA VAL B 26 -21.11 -15.66 -49.04
C VAL B 26 -22.22 -15.68 -50.08
N THR B 27 -22.24 -14.66 -50.94
CA THR B 27 -23.18 -14.58 -52.05
C THR B 27 -22.42 -14.32 -53.34
N ILE B 28 -22.64 -15.17 -54.33
CA ILE B 28 -21.93 -15.10 -55.60
C ILE B 28 -22.91 -14.66 -56.68
N THR B 29 -22.62 -13.54 -57.32
CA THR B 29 -23.45 -13.01 -58.39
C THR B 29 -22.88 -13.48 -59.72
N VAL B 30 -23.66 -14.27 -60.46
CA VAL B 30 -23.23 -14.88 -61.70
C VAL B 30 -24.06 -14.31 -62.83
N ASN B 31 -23.39 -13.69 -63.81
CA ASN B 31 -24.07 -13.04 -64.92
C ASN B 31 -23.70 -13.74 -66.23
N GLY B 32 -24.62 -13.72 -67.18
CA GLY B 32 -24.38 -14.35 -68.47
C GLY B 32 -25.44 -13.92 -69.46
N LYS B 33 -25.12 -14.14 -70.74
CA LYS B 33 -25.99 -13.74 -71.83
C LYS B 33 -26.09 -14.87 -72.85
N VAL B 34 -27.15 -14.84 -73.64
CA VAL B 34 -27.35 -15.76 -74.75
C VAL B 34 -27.58 -14.94 -76.01
N VAL B 35 -26.75 -15.20 -77.03
CA VAL B 35 -26.87 -14.48 -78.29
C VAL B 35 -26.92 -15.45 -79.46
N GLN C 1 -25.02 20.68 8.33
CA GLN C 1 -23.89 21.17 9.11
C GLN C 1 -22.85 20.07 9.34
N VAL C 2 -21.58 20.41 9.12
CA VAL C 2 -20.49 19.46 9.32
C VAL C 2 -19.92 19.64 10.71
N GLN C 3 -19.88 18.55 11.47
CA GLN C 3 -19.33 18.59 12.81
C GLN C 3 -18.42 17.40 13.03
N LEU C 4 -17.43 17.57 13.90
CA LEU C 4 -16.51 16.50 14.29
C LEU C 4 -16.58 16.35 15.81
N GLN C 5 -16.82 15.12 16.27
CA GLN C 5 -17.04 14.84 17.69
C GLN C 5 -15.92 13.94 18.18
N GLN C 6 -15.09 14.44 19.09
CA GLN C 6 -13.95 13.70 19.59
C GLN C 6 -14.28 13.00 20.90
N SER C 7 -13.43 12.04 21.27
CA SER C 7 -13.62 11.28 22.48
C SER C 7 -13.25 12.10 23.70
N GLY C 8 -13.53 11.54 24.87
CA GLY C 8 -13.26 12.23 26.12
C GLY C 8 -11.79 12.20 26.50
N ALA C 9 -11.47 13.01 27.52
CA ALA C 9 -10.09 13.11 27.96
C ALA C 9 -9.61 11.80 28.56
N GLU C 10 -8.36 11.46 28.29
CA GLU C 10 -7.77 10.21 28.72
C GLU C 10 -6.58 10.49 29.63
N LEU C 11 -6.58 9.83 30.78
CA LEU C 11 -5.42 9.83 31.67
C LEU C 11 -4.83 8.42 31.69
N VAL C 12 -3.55 8.32 31.35
CA VAL C 12 -2.88 7.03 31.23
C VAL C 12 -1.50 7.13 31.85
N ARG C 13 -0.97 5.98 32.28
CA ARG C 13 0.36 5.88 32.85
C ARG C 13 1.39 5.60 31.77
N PRO C 14 2.65 5.96 32.00
CA PRO C 14 3.67 5.80 30.96
C PRO C 14 3.83 4.34 30.53
N GLY C 15 4.16 4.16 29.25
CA GLY C 15 4.36 2.84 28.70
C GLY C 15 3.12 2.20 28.11
N SER C 16 1.95 2.81 28.25
CA SER C 16 0.73 2.23 27.72
C SER C 16 0.45 2.76 26.32
N SER C 17 -0.65 2.31 25.74
CA SER C 17 -1.10 2.77 24.43
C SER C 17 -2.55 3.22 24.54
N VAL C 18 -2.82 4.45 24.11
CA VAL C 18 -4.16 5.02 24.15
C VAL C 18 -4.63 5.22 22.71
N LYS C 19 -5.93 5.01 22.51
CA LYS C 19 -6.53 5.06 21.18
C LYS C 19 -7.70 6.04 21.21
N ILE C 20 -7.47 7.25 20.71
CA ILE C 20 -8.50 8.28 20.69
C ILE C 20 -9.23 8.23 19.36
N SER C 21 -10.44 8.77 19.34
CA SER C 21 -11.30 8.72 18.16
C SER C 21 -11.88 10.10 17.87
N CYS C 22 -12.27 10.29 16.61
CA CYS C 22 -12.86 11.55 16.15
C CYS C 22 -13.97 11.19 15.17
N LYS C 23 -15.20 11.09 15.69
CA LYS C 23 -16.34 10.72 14.85
C LYS C 23 -16.85 11.93 14.08
N ALA C 24 -17.17 11.72 12.81
CA ALA C 24 -17.54 12.80 11.91
C ALA C 24 -18.99 12.66 11.48
N SER C 25 -19.52 13.75 10.93
CA SER C 25 -20.90 13.79 10.47
C SER C 25 -21.06 14.94 9.48
N GLY C 26 -22.18 14.90 8.74
CA GLY C 26 -22.54 16.00 7.88
C GLY C 26 -21.86 16.04 6.54
N TYR C 27 -21.08 15.03 6.18
CA TYR C 27 -20.38 15.02 4.90
C TYR C 27 -19.95 13.60 4.58
N ALA C 28 -19.47 13.41 3.36
CA ALA C 28 -18.98 12.10 2.90
C ALA C 28 -17.67 11.81 3.61
N PHE C 29 -17.71 10.91 4.59
CA PHE C 29 -16.55 10.67 5.44
C PHE C 29 -15.39 10.09 4.65
N SER C 30 -15.68 9.18 3.72
CA SER C 30 -14.62 8.42 3.06
C SER C 30 -13.77 9.28 2.14
N SER C 31 -14.36 10.33 1.57
CA SER C 31 -13.80 10.97 0.39
C SER C 31 -12.86 12.14 0.69
N TYR C 32 -12.60 12.47 1.95
CA TYR C 32 -11.81 13.65 2.27
C TYR C 32 -10.71 13.32 3.26
N TRP C 33 -9.58 13.99 3.09
CA TRP C 33 -8.45 13.81 4.00
C TRP C 33 -8.78 14.38 5.37
N MET C 34 -8.29 13.70 6.42
CA MET C 34 -8.46 14.17 7.78
C MET C 34 -7.09 14.39 8.40
N ASN C 35 -6.83 15.61 8.87
CA ASN C 35 -5.56 15.97 9.47
C ASN C 35 -5.63 15.77 10.99
N TRP C 36 -4.46 15.53 11.58
CA TRP C 36 -4.34 15.43 13.03
C TRP C 36 -3.22 16.35 13.48
N VAL C 37 -3.50 17.18 14.49
CA VAL C 37 -2.62 18.25 14.92
C VAL C 37 -2.46 18.17 16.43
N LYS C 38 -1.25 18.41 16.90
CA LYS C 38 -0.90 18.32 18.31
C LYS C 38 -0.52 19.69 18.84
N GLN C 39 -1.04 20.03 20.02
CA GLN C 39 -0.73 21.30 20.67
C GLN C 39 -0.32 21.04 22.12
N ARG C 40 0.97 21.13 22.39
CA ARG C 40 1.44 21.04 23.76
C ARG C 40 0.99 22.27 24.56
N PRO C 41 0.76 22.12 25.86
CA PRO C 41 0.31 23.27 26.67
C PRO C 41 1.30 24.42 26.60
N GLY C 42 0.77 25.62 26.42
CA GLY C 42 1.61 26.80 26.33
C GLY C 42 2.62 26.75 25.20
N GLN C 43 2.22 26.20 24.06
CA GLN C 43 3.13 26.06 22.92
C GLN C 43 2.34 26.30 21.63
N GLY C 44 3.02 26.08 20.50
CA GLY C 44 2.39 26.20 19.20
C GLY C 44 1.85 24.87 18.71
N LEU C 45 1.31 24.89 17.49
CA LEU C 45 0.69 23.72 16.90
C LEU C 45 1.71 22.92 16.10
N GLU C 46 1.44 21.63 15.95
CA GLU C 46 2.33 20.71 15.26
C GLU C 46 1.51 19.70 14.47
N TRP C 47 1.94 19.42 13.26
CA TRP C 47 1.20 18.54 12.36
C TRP C 47 1.68 17.10 12.54
N ILE C 48 0.74 16.18 12.71
CA ILE C 48 1.06 14.80 13.01
C ILE C 48 0.95 13.91 11.78
N GLY C 49 -0.12 14.05 11.01
CA GLY C 49 -0.31 13.22 9.84
C GLY C 49 -1.69 13.40 9.28
N GLN C 50 -2.06 12.50 8.37
CA GLN C 50 -3.35 12.58 7.69
C GLN C 50 -3.68 11.27 7.00
N ILE C 51 -4.97 10.99 6.83
CA ILE C 51 -5.44 9.73 6.26
C ILE C 51 -6.55 10.00 5.25
N TYR C 52 -6.55 9.24 4.18
CA TYR C 52 -7.66 9.20 3.25
C TYR C 52 -8.49 7.96 3.55
N PRO C 53 -9.68 8.10 4.12
CA PRO C 53 -10.40 6.91 4.61
C PRO C 53 -10.76 5.90 3.53
N ARG C 54 -11.03 6.36 2.31
CA ARG C 54 -11.55 5.46 1.28
C ARG C 54 -10.54 4.38 0.91
N ASP C 55 -9.26 4.75 0.82
CA ASP C 55 -8.21 3.83 0.44
C ASP C 55 -7.25 3.48 1.56
N GLY C 56 -7.32 4.16 2.70
CA GLY C 56 -6.38 3.91 3.76
C GLY C 56 -5.04 4.57 3.58
N ASP C 57 -4.86 5.39 2.54
CA ASP C 57 -3.60 6.06 2.31
C ASP C 57 -3.29 7.02 3.45
N THR C 58 -2.03 7.04 3.87
CA THR C 58 -1.60 7.83 5.01
C THR C 58 -0.35 8.60 4.65
N ASN C 59 -0.17 9.73 5.32
CA ASN C 59 1.08 10.50 5.28
C ASN C 59 1.43 10.88 6.70
N TYR C 60 2.71 10.74 7.05
CA TYR C 60 3.16 10.96 8.42
C TYR C 60 4.25 12.01 8.46
N ASN C 61 4.32 12.70 9.59
CA ASN C 61 5.52 13.46 9.90
C ASN C 61 6.67 12.51 10.18
N GLY C 62 7.86 12.89 9.74
CA GLY C 62 9.02 12.08 10.07
C GLY C 62 9.25 12.00 11.56
N LYS C 63 8.95 13.07 12.28
CA LYS C 63 9.12 13.10 13.73
C LYS C 63 8.15 12.17 14.44
N PHE C 64 6.98 11.89 13.85
CA PHE C 64 5.93 11.14 14.49
C PHE C 64 5.66 9.76 13.89
N MET C 65 6.40 9.36 12.86
CA MET C 65 5.99 8.19 12.08
C MET C 65 6.00 6.92 12.93
N ASP C 66 7.05 6.71 13.72
CA ASP C 66 7.17 5.47 14.48
C ASP C 66 6.08 5.34 15.53
N LYS C 67 5.76 6.44 16.23
CA LYS C 67 4.86 6.37 17.37
C LYS C 67 3.40 6.32 16.95
N VAL C 68 3.00 7.12 15.98
CA VAL C 68 1.61 7.28 15.60
C VAL C 68 1.21 6.20 14.60
N THR C 69 -0.03 5.71 14.74
CA THR C 69 -0.62 4.80 13.77
C THR C 69 -2.04 5.28 13.50
N LEU C 70 -2.33 5.57 12.24
CA LEU C 70 -3.60 6.14 11.84
C LEU C 70 -4.46 5.11 11.13
N THR C 71 -5.75 5.10 11.44
CA THR C 71 -6.68 4.16 10.83
C THR C 71 -8.05 4.81 10.81
N ALA C 72 -8.94 4.25 10.00
CA ALA C 72 -10.30 4.75 9.87
C ALA C 72 -11.26 3.58 9.75
N ASP C 73 -12.51 3.81 10.15
CA ASP C 73 -13.56 2.81 10.13
C ASP C 73 -14.71 3.36 9.30
N LYS C 74 -14.85 2.88 8.06
CA LYS C 74 -15.85 3.42 7.16
C LYS C 74 -17.27 3.13 7.63
N SER C 75 -17.45 2.07 8.43
CA SER C 75 -18.80 1.68 8.81
C SER C 75 -19.43 2.68 9.77
N SER C 76 -18.66 3.17 10.75
CA SER C 76 -19.21 4.03 11.78
C SER C 76 -18.77 5.49 11.65
N ASN C 77 -18.10 5.87 10.57
CA ASN C 77 -17.63 7.23 10.35
C ASN C 77 -16.70 7.68 11.46
N THR C 78 -15.78 6.81 11.87
CA THR C 78 -14.84 7.10 12.95
C THR C 78 -13.42 7.03 12.41
N ALA C 79 -12.59 7.99 12.80
CA ALA C 79 -11.17 7.99 12.49
C ALA C 79 -10.38 7.82 13.78
N TYR C 80 -9.51 6.83 13.81
CA TYR C 80 -8.83 6.43 15.03
C TYR C 80 -7.37 6.84 14.98
N MET C 81 -6.85 7.24 16.14
CA MET C 81 -5.45 7.56 16.32
C MET C 81 -4.91 6.78 17.50
N GLN C 82 -3.71 6.23 17.35
CA GLN C 82 -3.08 5.43 18.39
C GLN C 82 -1.68 5.96 18.65
N LEU C 83 -1.36 6.12 19.93
CA LEU C 83 -0.03 6.49 20.38
C LEU C 83 0.52 5.38 21.26
N SER C 84 1.79 5.04 21.08
CA SER C 84 2.40 3.93 21.78
C SER C 84 3.69 4.38 22.43
N SER C 85 4.10 3.64 23.46
CA SER C 85 5.30 3.93 24.25
C SER C 85 5.24 5.37 24.77
N LEU C 86 4.15 5.69 25.45
CA LEU C 86 3.87 7.06 25.85
C LEU C 86 4.90 7.55 26.85
N THR C 87 5.44 8.72 26.58
CA THR C 87 6.40 9.39 27.47
C THR C 87 5.76 10.70 27.95
N SER C 88 6.53 11.46 28.73
CA SER C 88 6.01 12.69 29.30
C SER C 88 5.71 13.73 28.22
N GLU C 89 6.44 13.70 27.11
CA GLU C 89 6.25 14.67 26.04
C GLU C 89 4.93 14.47 25.29
N ASP C 90 4.31 13.31 25.42
CA ASP C 90 3.07 13.01 24.70
C ASP C 90 1.83 13.58 25.36
N SER C 91 1.99 14.52 26.28
CA SER C 91 0.86 15.14 26.96
C SER C 91 0.47 16.42 26.23
N ALA C 92 -0.70 16.40 25.58
CA ALA C 92 -1.13 17.55 24.79
C ALA C 92 -2.59 17.41 24.38
N VAL C 93 -3.10 18.35 23.60
CA VAL C 93 -4.44 18.31 23.04
C VAL C 93 -4.33 17.93 21.58
N TYR C 94 -5.18 17.02 21.13
CA TYR C 94 -5.14 16.48 19.78
C TYR C 94 -6.43 16.86 19.06
N PHE C 95 -6.29 17.52 17.91
CA PHE C 95 -7.41 17.94 17.10
C PHE C 95 -7.46 17.14 15.81
N CYS C 96 -8.67 17.00 15.27
CA CYS C 96 -8.88 16.47 13.92
C CYS C 96 -9.44 17.59 13.06
N GLU C 97 -8.95 17.70 11.83
CA GLU C 97 -9.28 18.81 10.95
C GLU C 97 -9.61 18.30 9.56
N VAL C 98 -10.65 18.90 8.97
CA VAL C 98 -11.11 18.56 7.62
C VAL C 98 -11.31 19.86 6.86
N GLY C 99 -11.27 19.80 5.54
CA GLY C 99 -11.52 21.00 4.76
C GLY C 99 -10.79 21.20 3.44
N ARG C 100 -9.87 20.32 3.04
CA ARG C 100 -9.15 20.53 1.79
C ARG C 100 -10.10 20.49 0.59
N GLY C 101 -11.01 19.53 0.56
CA GLY C 101 -11.88 19.41 -0.60
C GLY C 101 -13.08 20.33 -0.63
N PHE C 102 -13.26 21.17 0.38
CA PHE C 102 -14.39 22.08 0.47
C PHE C 102 -13.96 23.48 0.05
N TYR C 103 -14.90 24.22 -0.55
CA TYR C 103 -14.61 25.55 -1.09
C TYR C 103 -14.82 26.59 0.00
N GLY C 104 -13.73 27.06 0.60
CA GLY C 104 -13.81 28.17 1.51
C GLY C 104 -14.37 27.88 2.89
N MET C 105 -14.36 26.64 3.32
CA MET C 105 -14.84 26.26 4.64
C MET C 105 -13.85 25.32 5.31
N ASP C 106 -13.85 25.33 6.64
CA ASP C 106 -12.87 24.58 7.41
C ASP C 106 -13.47 24.21 8.75
N TYR C 107 -13.18 22.99 9.21
CA TYR C 107 -13.77 22.48 10.44
C TYR C 107 -12.70 21.84 11.32
N TRP C 108 -12.89 21.96 12.62
CA TRP C 108 -12.00 21.37 13.62
C TRP C 108 -12.84 20.65 14.67
N GLY C 109 -12.20 19.73 15.39
CA GLY C 109 -12.81 19.11 16.55
C GLY C 109 -12.61 19.95 17.79
N GLN C 110 -13.14 19.47 18.91
CA GLN C 110 -12.97 20.20 20.16
C GLN C 110 -11.68 19.83 20.89
N GLY C 111 -10.95 18.83 20.42
CA GLY C 111 -9.70 18.46 21.04
C GLY C 111 -9.86 17.47 22.18
N THR C 112 -8.93 16.53 22.29
CA THR C 112 -8.92 15.54 23.35
C THR C 112 -7.68 15.77 24.21
N SER C 113 -7.90 16.02 25.49
CA SER C 113 -6.79 16.29 26.42
C SER C 113 -6.24 14.97 26.94
N VAL C 114 -4.97 14.71 26.68
CA VAL C 114 -4.31 13.48 27.11
C VAL C 114 -3.19 13.87 28.06
N THR C 115 -3.29 13.41 29.31
CA THR C 115 -2.28 13.67 30.33
C THR C 115 -1.66 12.35 30.74
N VAL C 116 -0.34 12.27 30.68
CA VAL C 116 0.40 11.06 31.02
C VAL C 116 1.19 11.33 32.29
N SER C 117 1.04 10.43 33.26
CA SER C 117 1.70 10.60 34.55
C SER C 117 1.54 9.31 35.34
N SER C 118 2.57 9.02 36.15
CA SER C 118 2.55 7.86 37.02
C SER C 118 1.83 8.12 38.34
N ALA C 119 1.41 9.35 38.58
CA ALA C 119 0.77 9.70 39.84
C ALA C 119 -0.64 9.10 39.89
N LYS C 120 -1.26 9.22 41.06
CA LYS C 120 -2.62 8.73 41.29
C LYS C 120 -3.46 9.85 41.88
N THR C 121 -4.74 9.56 42.08
CA THR C 121 -5.65 10.56 42.61
C THR C 121 -5.22 10.97 44.02
N THR C 122 -5.44 12.25 44.35
CA THR C 122 -4.95 12.79 45.62
C THR C 122 -5.78 13.98 46.07
N PRO C 123 -6.28 13.96 47.30
CA PRO C 123 -7.04 15.12 47.78
C PRO C 123 -6.14 16.34 47.91
N PRO C 124 -6.68 17.53 47.69
CA PRO C 124 -5.88 18.75 47.81
C PRO C 124 -5.68 19.17 49.27
N SER C 125 -4.59 19.89 49.49
CA SER C 125 -4.23 20.39 50.82
C SER C 125 -4.33 21.91 50.80
N VAL C 126 -5.22 22.46 51.62
CA VAL C 126 -5.61 23.86 51.57
C VAL C 126 -5.05 24.58 52.79
N TYR C 127 -4.47 25.77 52.56
CA TYR C 127 -3.83 26.52 53.63
C TYR C 127 -4.15 28.00 53.53
N PRO C 128 -4.52 28.65 54.63
CA PRO C 128 -4.80 30.09 54.60
C PRO C 128 -3.52 30.92 54.55
N LEU C 129 -3.69 32.21 54.29
CA LEU C 129 -2.63 33.19 54.32
C LEU C 129 -3.12 34.45 55.00
N ALA C 130 -2.28 35.04 55.85
CA ALA C 130 -2.66 36.21 56.62
C ALA C 130 -1.49 37.19 56.63
N PRO C 131 -1.77 38.49 56.78
CA PRO C 131 -0.68 39.48 56.78
C PRO C 131 0.14 39.47 58.07
N GLY C 132 1.07 40.42 58.18
CA GLY C 132 1.99 40.41 59.30
C GLY C 132 1.78 41.49 60.35
N SER C 133 1.28 41.08 61.52
CA SER C 133 1.28 41.86 62.75
C SER C 133 0.32 43.04 62.73
N ALA C 134 -0.26 43.36 61.58
CA ALA C 134 -1.15 44.52 61.45
C ALA C 134 -1.71 44.53 60.04
N ALA C 135 -2.67 45.43 59.82
CA ALA C 135 -3.17 45.69 58.49
C ALA C 135 -2.18 46.56 57.72
N GLN C 136 -2.40 46.66 56.41
CA GLN C 136 -1.53 47.43 55.54
C GLN C 136 -1.75 48.94 55.64
N THR C 137 -2.52 49.39 56.63
CA THR C 137 -2.81 50.82 56.83
C THR C 137 -3.36 51.45 55.54
N ASN C 138 -4.26 50.73 54.89
CA ASN C 138 -4.85 51.19 53.65
C ASN C 138 -6.30 50.74 53.59
N SER C 139 -7.07 51.43 52.74
CA SER C 139 -8.48 51.08 52.57
C SER C 139 -8.67 49.71 51.91
N MET C 140 -7.63 49.18 51.27
CA MET C 140 -7.72 47.93 50.53
C MET C 140 -6.71 46.95 51.11
N VAL C 141 -7.16 45.72 51.35
CA VAL C 141 -6.30 44.68 51.91
C VAL C 141 -6.48 43.40 51.10
N THR C 142 -5.46 42.54 51.13
CA THR C 142 -5.44 41.32 50.35
C THR C 142 -5.15 40.12 51.24
N LEU C 143 -5.56 38.94 50.77
CA LEU C 143 -5.37 37.68 51.48
C LEU C 143 -5.00 36.61 50.47
N GLY C 144 -5.07 35.34 50.89
CA GLY C 144 -4.76 34.24 49.99
C GLY C 144 -5.03 32.86 50.54
N CYS C 145 -5.20 31.87 49.67
CA CYS C 145 -5.44 30.49 50.07
C CYS C 145 -4.59 29.58 49.19
N LEU C 146 -3.45 29.15 49.72
CA LEU C 146 -2.51 28.32 48.99
C LEU C 146 -3.00 26.87 49.01
N VAL C 147 -3.13 26.27 47.83
CA VAL C 147 -3.59 24.90 47.68
C VAL C 147 -2.44 24.08 47.08
N LYS C 148 -2.13 22.95 47.71
CA LYS C 148 -0.96 22.17 47.33
C LYS C 148 -1.32 20.70 47.20
N GLY C 149 -0.56 19.99 46.36
CA GLY C 149 -0.63 18.55 46.26
C GLY C 149 -1.97 17.94 45.93
N TYR C 150 -2.46 18.17 44.71
CA TYR C 150 -3.70 17.56 44.26
C TYR C 150 -3.53 17.06 42.84
N PHE C 151 -4.36 16.08 42.46
CA PHE C 151 -4.30 15.48 41.14
C PHE C 151 -5.53 14.62 40.89
N PRO C 152 -6.09 14.63 39.69
CA PRO C 152 -5.75 15.47 38.55
C PRO C 152 -6.64 16.70 38.48
N GLU C 153 -6.40 17.59 37.51
CA GLU C 153 -7.18 18.80 37.33
C GLU C 153 -8.60 18.43 36.90
N PRO C 154 -9.59 19.34 37.07
CA PRO C 154 -9.51 20.71 37.57
C PRO C 154 -9.97 20.90 39.01
N VAL C 155 -9.37 21.85 39.70
CA VAL C 155 -9.83 22.28 41.03
C VAL C 155 -10.58 23.60 40.87
N THR C 156 -11.66 23.74 41.61
CA THR C 156 -12.49 24.94 41.58
C THR C 156 -12.26 25.73 42.87
N VAL C 157 -11.84 26.99 42.72
CA VAL C 157 -11.53 27.86 43.84
C VAL C 157 -12.44 29.07 43.79
N THR C 158 -13.14 29.35 44.88
CA THR C 158 -13.99 30.51 45.01
C THR C 158 -13.66 31.20 46.33
N TRP C 159 -14.43 32.23 46.65
CA TRP C 159 -14.30 32.95 47.92
C TRP C 159 -15.68 33.27 48.46
N ASN C 160 -15.91 32.93 49.74
CA ASN C 160 -17.19 33.18 50.41
C ASN C 160 -18.36 32.58 49.64
N SER C 161 -18.15 31.36 49.13
CA SER C 161 -19.17 30.63 48.37
C SER C 161 -19.68 31.45 47.19
N GLY C 162 -18.76 32.12 46.50
CA GLY C 162 -19.11 32.92 45.35
C GLY C 162 -19.55 34.33 45.64
N SER C 163 -19.61 34.73 46.92
CA SER C 163 -20.01 36.10 47.26
C SER C 163 -19.00 37.11 46.73
N LEU C 164 -17.72 36.82 46.88
CA LEU C 164 -16.65 37.73 46.43
C LEU C 164 -16.38 37.46 44.95
N SER C 165 -17.16 38.13 44.10
CA SER C 165 -17.04 37.97 42.66
C SER C 165 -16.13 39.02 42.02
N SER C 166 -15.50 39.88 42.82
CA SER C 166 -14.64 40.92 42.28
C SER C 166 -13.37 40.99 43.10
N GLY C 167 -12.32 41.52 42.48
CA GLY C 167 -11.02 41.63 43.15
C GLY C 167 -10.43 40.29 43.51
N VAL C 168 -10.56 39.30 42.64
CA VAL C 168 -10.12 37.94 42.90
C VAL C 168 -9.18 37.49 41.79
N HIS C 169 -8.06 36.89 42.17
CA HIS C 169 -7.14 36.27 41.23
C HIS C 169 -7.08 34.77 41.51
N THR C 170 -7.20 33.98 40.45
CA THR C 170 -7.12 32.52 40.54
C THR C 170 -6.09 32.04 39.52
N PHE C 171 -4.83 32.03 39.94
CA PHE C 171 -3.74 31.71 39.05
C PHE C 171 -3.83 30.26 38.59
N PRO C 172 -3.38 29.96 37.38
CA PRO C 172 -3.46 28.58 36.89
C PRO C 172 -2.42 27.69 37.54
N ALA C 173 -2.75 26.40 37.60
CA ALA C 173 -1.92 25.44 38.31
C ALA C 173 -0.60 25.22 37.57
N VAL C 174 0.39 24.76 38.32
CA VAL C 174 1.70 24.42 37.79
C VAL C 174 2.11 23.07 38.36
N LEU C 175 3.02 22.41 37.65
CA LEU C 175 3.47 21.07 38.04
C LEU C 175 4.63 21.18 39.02
N GLN C 176 4.55 20.43 40.12
CA GLN C 176 5.58 20.45 41.15
C GLN C 176 5.58 19.12 41.87
N SER C 177 6.72 18.42 41.84
CA SER C 177 6.86 17.12 42.49
C SER C 177 5.77 16.16 42.04
N ASP C 178 5.50 16.17 40.73
CA ASP C 178 4.52 15.32 40.07
C ASP C 178 3.10 15.56 40.55
N LEU C 179 2.83 16.67 41.22
CA LEU C 179 1.48 17.03 41.62
C LEU C 179 1.25 18.51 41.33
N TYR C 180 0.01 18.83 40.94
CA TYR C 180 -0.31 20.22 40.62
C TYR C 180 -0.43 21.05 41.88
N THR C 181 -0.12 22.34 41.74
CA THR C 181 -0.20 23.30 42.83
C THR C 181 -0.88 24.56 42.32
N LEU C 182 -1.64 25.21 43.21
CA LEU C 182 -2.40 26.38 42.82
C LEU C 182 -2.33 27.41 43.93
N SER C 183 -2.40 28.68 43.55
CA SER C 183 -2.48 29.77 44.51
C SER C 183 -3.60 30.71 44.08
N SER C 184 -4.16 31.41 45.05
CA SER C 184 -5.24 32.33 44.77
C SER C 184 -5.15 33.51 45.74
N SER C 185 -5.79 34.61 45.36
CA SER C 185 -5.82 35.80 46.20
C SER C 185 -7.18 36.47 46.08
N VAL C 186 -7.51 37.25 47.11
CA VAL C 186 -8.72 38.05 47.14
C VAL C 186 -8.34 39.40 47.73
N THR C 187 -9.14 40.43 47.40
CA THR C 187 -8.93 41.76 48.03
C THR C 187 -10.26 42.20 48.66
N VAL C 188 -10.24 42.74 49.88
CA VAL C 188 -11.50 43.08 50.59
C VAL C 188 -11.45 44.52 51.09
N PRO C 189 -12.45 45.39 50.78
CA PRO C 189 -12.48 46.75 51.31
C PRO C 189 -13.13 46.88 52.68
N SER C 190 -13.73 45.81 53.20
CA SER C 190 -14.41 45.88 54.49
C SER C 190 -13.46 45.85 55.67
N SER C 191 -12.16 45.69 55.42
CA SER C 191 -11.11 45.63 56.43
C SER C 191 -11.33 44.49 57.42
N PRO C 192 -11.21 43.23 56.97
CA PRO C 192 -11.27 42.11 57.91
C PRO C 192 -9.95 41.91 58.63
N ARG C 193 -9.81 40.80 59.36
CA ARG C 193 -8.55 40.45 60.03
C ARG C 193 -8.09 41.58 60.95
N PRO C 194 -8.71 41.72 62.13
CA PRO C 194 -9.67 40.79 62.75
C PRO C 194 -11.12 41.27 62.76
N SER C 195 -11.45 42.35 62.05
CA SER C 195 -12.80 42.88 62.11
C SER C 195 -13.82 41.87 61.56
N GLU C 196 -13.51 41.30 60.39
CA GLU C 196 -14.45 40.35 59.75
C GLU C 196 -13.71 39.06 59.39
N THR C 197 -14.42 38.10 58.80
CA THR C 197 -13.78 36.80 58.43
C THR C 197 -14.10 36.47 56.98
N VAL C 198 -13.11 35.95 56.24
CA VAL C 198 -13.29 35.61 54.84
C VAL C 198 -13.08 34.12 54.67
N THR C 199 -13.92 33.50 53.82
CA THR C 199 -13.91 32.06 53.60
C THR C 199 -13.61 31.78 52.13
N CYS C 200 -12.68 30.85 51.89
CA CYS C 200 -12.35 30.39 50.55
C CYS C 200 -12.72 28.92 50.41
N ASN C 201 -13.39 28.57 49.33
CA ASN C 201 -13.92 27.23 49.12
C ASN C 201 -13.16 26.51 48.02
N VAL C 202 -12.81 25.25 48.28
CA VAL C 202 -12.00 24.45 47.37
C VAL C 202 -12.72 23.15 47.08
N ALA C 203 -12.83 22.79 45.80
CA ALA C 203 -13.51 21.58 45.38
C ALA C 203 -12.64 20.81 44.40
N HIS C 204 -12.57 19.50 44.59
CA HIS C 204 -11.80 18.62 43.71
C HIS C 204 -12.67 17.44 43.30
N PRO C 205 -13.34 17.54 42.14
CA PRO C 205 -14.26 16.48 41.73
C PRO C 205 -13.63 15.12 41.58
N ALA C 206 -12.35 15.05 41.20
CA ALA C 206 -11.71 13.76 40.94
C ALA C 206 -11.66 12.92 42.21
N SER C 207 -11.27 13.52 43.33
CA SER C 207 -11.32 12.84 44.61
C SER C 207 -12.65 13.05 45.33
N SER C 208 -13.55 13.85 44.75
CA SER C 208 -14.87 14.11 45.31
C SER C 208 -14.77 14.64 46.74
N THR C 209 -13.92 15.65 46.93
CA THR C 209 -13.71 16.27 48.22
C THR C 209 -13.96 17.76 48.12
N LYS C 210 -14.41 18.35 49.22
CA LYS C 210 -14.69 19.78 49.30
C LYS C 210 -14.12 20.33 50.59
N VAL C 211 -13.50 21.51 50.51
CA VAL C 211 -12.83 22.12 51.63
C VAL C 211 -13.29 23.56 51.78
N ASP C 212 -13.51 23.97 53.02
CA ASP C 212 -13.78 25.37 53.35
C ASP C 212 -12.78 25.81 54.41
N LYS C 213 -12.16 26.97 54.20
CA LYS C 213 -11.15 27.47 55.13
C LYS C 213 -11.38 28.96 55.38
N LYS C 214 -10.95 29.42 56.54
CA LYS C 214 -11.08 30.81 56.96
C LYS C 214 -9.74 31.32 57.46
N ILE C 215 -9.52 32.62 57.27
CA ILE C 215 -8.26 33.23 57.66
C ILE C 215 -8.24 33.51 59.16
N GLU D 1 -2.53 -28.60 -22.38
CA GLU D 1 -2.61 -28.13 -23.75
C GLU D 1 -1.85 -26.82 -23.94
N ILE D 2 -2.21 -25.82 -23.15
CA ILE D 2 -1.54 -24.53 -23.19
C ILE D 2 -0.18 -24.67 -22.50
N GLN D 3 0.89 -24.58 -23.27
CA GLN D 3 2.24 -24.75 -22.76
C GLN D 3 3.06 -23.51 -23.05
N LEU D 4 3.86 -23.10 -22.08
CA LEU D 4 4.83 -22.03 -22.26
C LEU D 4 6.21 -22.62 -21.98
N GLN D 5 7.04 -22.70 -23.02
CA GLN D 5 8.35 -23.32 -22.93
C GLN D 5 9.42 -22.25 -22.91
N GLN D 6 10.38 -22.39 -22.01
CA GLN D 6 11.44 -21.41 -21.85
C GLN D 6 12.79 -21.97 -22.27
N SER D 7 13.77 -21.07 -22.34
CA SER D 7 15.14 -21.47 -22.64
C SER D 7 15.81 -22.01 -21.38
N GLY D 8 16.91 -22.73 -21.59
CA GLY D 8 17.60 -23.40 -20.50
C GLY D 8 18.39 -22.44 -19.65
N PRO D 9 19.08 -22.99 -18.65
CA PRO D 9 19.81 -22.15 -17.70
C PRO D 9 20.95 -21.39 -18.38
N GLU D 10 21.26 -20.23 -17.83
CA GLU D 10 22.27 -19.35 -18.38
C GLU D 10 23.32 -19.03 -17.33
N ARG D 11 24.56 -18.87 -17.78
CA ARG D 11 25.66 -18.42 -16.94
C ARG D 11 26.26 -17.16 -17.56
N MET D 12 26.42 -16.12 -16.75
CA MET D 12 26.90 -14.84 -17.23
C MET D 12 27.92 -14.27 -16.26
N LYS D 13 28.73 -13.38 -16.76
CA LYS D 13 29.65 -12.57 -15.97
C LYS D 13 28.98 -11.26 -15.58
N PRO D 14 29.39 -10.65 -14.47
CA PRO D 14 28.78 -9.37 -14.08
C PRO D 14 29.04 -8.30 -15.13
N GLY D 15 28.02 -7.47 -15.37
CA GLY D 15 28.08 -6.43 -16.37
C GLY D 15 27.68 -6.85 -17.77
N ALA D 16 27.44 -8.14 -18.00
CA ALA D 16 27.04 -8.62 -19.31
C ALA D 16 25.54 -8.46 -19.52
N SER D 17 25.00 -9.09 -20.56
CA SER D 17 23.57 -9.00 -20.85
C SER D 17 23.07 -10.36 -21.30
N VAL D 18 21.85 -10.67 -20.90
CA VAL D 18 21.24 -11.97 -21.15
C VAL D 18 19.87 -11.77 -21.78
N LYS D 19 19.53 -12.61 -22.75
CA LYS D 19 18.23 -12.62 -23.40
C LYS D 19 17.66 -14.02 -23.26
N ILE D 20 16.58 -14.13 -22.50
CA ILE D 20 15.91 -15.42 -22.30
C ILE D 20 14.54 -15.36 -22.95
N SER D 21 14.17 -16.44 -23.61
CA SER D 21 12.95 -16.49 -24.40
C SER D 21 11.90 -17.34 -23.71
N CYS D 22 10.69 -17.28 -24.26
CA CYS D 22 9.53 -18.01 -23.72
C CYS D 22 8.59 -18.26 -24.90
N LYS D 23 8.55 -19.50 -25.36
CA LYS D 23 7.77 -19.86 -26.54
C LYS D 23 6.41 -20.38 -26.11
N ALA D 24 5.35 -19.68 -26.48
CA ALA D 24 4.00 -20.05 -26.10
C ALA D 24 3.36 -20.90 -27.17
N SER D 25 2.39 -21.71 -26.76
CA SER D 25 1.77 -22.67 -27.67
C SER D 25 0.41 -23.07 -27.13
N GLY D 26 -0.41 -23.61 -28.02
CA GLY D 26 -1.71 -24.14 -27.64
C GLY D 26 -2.85 -23.16 -27.64
N TYR D 27 -2.62 -21.93 -28.07
CA TYR D 27 -3.65 -20.91 -28.09
C TYR D 27 -3.20 -19.79 -29.02
N SER D 28 -4.02 -18.74 -29.09
CA SER D 28 -3.72 -17.58 -29.93
C SER D 28 -2.79 -16.65 -29.16
N PHE D 29 -1.56 -16.52 -29.64
CA PHE D 29 -0.52 -15.85 -28.86
C PHE D 29 -0.85 -14.37 -28.62
N THR D 30 -1.40 -13.70 -29.63
CA THR D 30 -1.56 -12.25 -29.59
C THR D 30 -2.85 -11.81 -28.90
N THR D 31 -3.65 -12.74 -28.41
CA THR D 31 -4.93 -12.44 -27.78
C THR D 31 -4.82 -12.14 -26.30
N TYR D 32 -3.72 -12.51 -25.66
CA TYR D 32 -3.54 -12.33 -24.22
C TYR D 32 -2.29 -11.51 -23.96
N TYR D 33 -2.07 -11.18 -22.69
CA TYR D 33 -0.84 -10.53 -22.25
C TYR D 33 0.16 -11.57 -21.78
N ILE D 34 1.41 -11.13 -21.64
CA ILE D 34 2.49 -11.96 -21.14
C ILE D 34 3.20 -11.19 -20.03
N HIS D 35 3.29 -11.81 -18.85
CA HIS D 35 3.90 -11.19 -17.68
C HIS D 35 5.18 -11.93 -17.31
N TRP D 36 6.12 -11.20 -16.70
CA TRP D 36 7.37 -11.76 -16.23
C TRP D 36 7.47 -11.59 -14.72
N VAL D 37 7.86 -12.67 -14.04
CA VAL D 37 7.95 -12.72 -12.59
C VAL D 37 9.32 -13.24 -12.21
N LYS D 38 9.90 -12.69 -11.15
CA LYS D 38 11.22 -13.07 -10.66
C LYS D 38 11.14 -13.61 -9.25
N GLN D 39 11.83 -14.73 -9.00
CA GLN D 39 11.88 -15.33 -7.67
C GLN D 39 13.32 -15.47 -7.23
N SER D 40 13.70 -14.76 -6.18
CA SER D 40 15.05 -14.80 -5.66
C SER D 40 15.20 -15.92 -4.64
N HIS D 41 16.40 -16.04 -4.06
CA HIS D 41 16.59 -16.96 -2.95
C HIS D 41 15.82 -16.44 -1.74
N GLY D 42 15.25 -17.37 -0.97
CA GLY D 42 14.22 -17.04 -0.03
C GLY D 42 12.81 -17.18 -0.58
N ARG D 43 12.70 -17.25 -1.90
CA ARG D 43 11.49 -17.71 -2.59
C ARG D 43 10.37 -16.69 -2.51
N SER D 44 10.71 -15.41 -2.49
CA SER D 44 9.73 -14.37 -2.65
C SER D 44 9.57 -14.02 -4.13
N LEU D 45 8.36 -13.63 -4.51
CA LEU D 45 8.01 -13.39 -5.90
C LEU D 45 7.91 -11.90 -6.19
N GLU D 46 8.45 -11.48 -7.32
CA GLU D 46 8.43 -10.08 -7.74
C GLU D 46 7.94 -9.98 -9.18
N TRP D 47 7.19 -8.90 -9.45
CA TRP D 47 6.55 -8.68 -10.74
C TRP D 47 7.41 -7.73 -11.55
N ILE D 48 7.73 -8.12 -12.79
CA ILE D 48 8.58 -7.29 -13.64
C ILE D 48 7.76 -6.41 -14.56
N GLY D 49 6.80 -6.98 -15.28
CA GLY D 49 5.95 -6.18 -16.14
C GLY D 49 5.17 -7.04 -17.10
N TYR D 50 4.47 -6.37 -18.01
CA TYR D 50 3.73 -7.05 -19.06
C TYR D 50 4.03 -6.39 -20.40
N ILE D 51 3.71 -7.11 -21.47
CA ILE D 51 3.80 -6.61 -22.83
C ILE D 51 2.58 -7.11 -23.59
N ASP D 52 2.01 -6.23 -24.42
CA ASP D 52 0.91 -6.63 -25.30
C ASP D 52 1.50 -7.15 -26.59
N PRO D 53 1.39 -8.45 -26.88
CA PRO D 53 2.00 -8.97 -28.11
C PRO D 53 1.12 -8.79 -29.33
N PHE D 54 0.48 -7.64 -29.42
CA PHE D 54 -0.27 -7.20 -30.59
C PHE D 54 0.20 -5.85 -31.09
N ASN D 55 0.36 -4.90 -30.19
CA ASN D 55 0.80 -3.56 -30.49
C ASN D 55 2.04 -3.14 -29.72
N ASP D 56 2.54 -3.99 -28.82
CA ASP D 56 3.81 -3.86 -28.13
C ASP D 56 3.82 -2.84 -27.00
N ASP D 57 2.67 -2.41 -26.49
CA ASP D 57 2.68 -1.57 -25.29
C ASP D 57 3.22 -2.37 -24.11
N THR D 58 3.95 -1.68 -23.24
CA THR D 58 4.57 -2.30 -22.09
C THR D 58 4.27 -1.51 -20.82
N ASN D 59 4.54 -2.14 -19.69
CA ASN D 59 4.46 -1.52 -18.39
C ASN D 59 5.52 -2.17 -17.52
N TYR D 60 6.28 -1.37 -16.78
CA TYR D 60 7.39 -1.87 -15.99
C TYR D 60 7.19 -1.53 -14.53
N ASN D 61 7.68 -2.41 -13.67
CA ASN D 61 7.86 -2.10 -12.26
C ASN D 61 9.04 -1.14 -12.13
N GLN D 62 8.88 -0.12 -11.29
CA GLN D 62 9.90 0.92 -11.21
C GLN D 62 11.23 0.37 -10.72
N LYS D 63 11.21 -0.76 -10.00
CA LYS D 63 12.46 -1.37 -9.55
C LYS D 63 13.35 -1.74 -10.73
N PHE D 64 12.78 -2.41 -11.73
CA PHE D 64 13.54 -2.93 -12.85
C PHE D 64 13.56 -1.99 -14.04
N LYS D 65 12.96 -0.80 -13.93
CA LYS D 65 12.96 0.14 -15.04
C LYS D 65 14.38 0.62 -15.31
N GLY D 66 14.74 0.68 -16.59
CA GLY D 66 16.10 0.94 -16.99
C GLY D 66 16.97 -0.28 -17.05
N LYS D 67 16.46 -1.45 -16.67
CA LYS D 67 17.21 -2.69 -16.66
C LYS D 67 16.60 -3.78 -17.52
N ALA D 68 15.28 -3.94 -17.51
CA ALA D 68 14.61 -5.03 -18.18
C ALA D 68 13.81 -4.49 -19.37
N THR D 69 13.98 -5.12 -20.52
CA THR D 69 13.32 -4.71 -21.75
C THR D 69 12.53 -5.87 -22.31
N LEU D 70 11.21 -5.80 -22.20
CA LEU D 70 10.37 -6.85 -22.75
C LEU D 70 10.10 -6.58 -24.22
N THR D 71 10.42 -7.56 -25.06
CA THR D 71 10.09 -7.48 -26.47
C THR D 71 9.45 -8.80 -26.86
N VAL D 72 8.92 -8.85 -28.08
CA VAL D 72 8.15 -10.01 -28.52
C VAL D 72 8.43 -10.26 -30.00
N ASP D 73 8.41 -11.52 -30.39
CA ASP D 73 8.57 -11.93 -31.79
C ASP D 73 7.24 -12.53 -32.24
N LYS D 74 6.44 -11.73 -32.94
CA LYS D 74 5.08 -12.14 -33.28
C LYS D 74 5.09 -13.35 -34.21
N SER D 75 6.05 -13.41 -35.13
CA SER D 75 6.04 -14.43 -36.17
C SER D 75 6.17 -15.83 -35.58
N SER D 76 7.12 -16.01 -34.66
CA SER D 76 7.45 -17.33 -34.13
C SER D 76 6.83 -17.58 -32.76
N SER D 77 5.88 -16.75 -32.34
CA SER D 77 5.13 -16.96 -31.10
C SER D 77 6.05 -17.01 -29.87
N THR D 78 7.03 -16.11 -29.83
CA THR D 78 8.08 -16.14 -28.83
C THR D 78 8.18 -14.79 -28.14
N ALA D 79 8.21 -14.81 -26.81
CA ALA D 79 8.43 -13.62 -26.02
C ALA D 79 9.86 -13.59 -25.52
N TYR D 80 10.34 -12.41 -25.17
CA TYR D 80 11.71 -12.25 -24.71
C TYR D 80 11.76 -11.38 -23.47
N MET D 81 12.79 -11.64 -22.66
CA MET D 81 13.18 -10.76 -21.57
C MET D 81 14.66 -10.48 -21.70
N HIS D 82 15.04 -9.23 -21.56
CA HIS D 82 16.42 -8.81 -21.71
C HIS D 82 16.84 -8.07 -20.44
N LEU D 83 17.95 -8.50 -19.84
CA LEU D 83 18.56 -7.80 -18.72
C LEU D 83 19.92 -7.27 -19.14
N SER D 84 20.29 -6.12 -18.57
CA SER D 84 21.55 -5.49 -18.89
C SER D 84 22.23 -5.04 -17.61
N SER D 85 23.56 -4.93 -17.68
CA SER D 85 24.38 -4.53 -16.53
C SER D 85 24.15 -5.47 -15.35
N LEU D 86 24.33 -6.77 -15.61
CA LEU D 86 24.04 -7.79 -14.61
C LEU D 86 24.96 -7.62 -13.41
N THR D 87 24.46 -8.03 -12.25
CA THR D 87 25.20 -7.98 -11.00
C THR D 87 24.90 -9.24 -10.20
N SER D 88 25.35 -9.27 -8.95
CA SER D 88 25.18 -10.46 -8.14
C SER D 88 23.72 -10.71 -7.81
N GLU D 89 22.97 -9.65 -7.49
CA GLU D 89 21.57 -9.79 -7.10
C GLU D 89 20.65 -10.07 -8.26
N ASP D 90 21.18 -10.33 -9.44
CA ASP D 90 20.36 -10.75 -10.58
C ASP D 90 20.27 -12.26 -10.69
N SER D 91 20.89 -13.01 -9.79
CA SER D 91 20.78 -14.46 -9.82
C SER D 91 19.45 -14.88 -9.20
N ALA D 92 18.57 -15.41 -10.04
CA ALA D 92 17.22 -15.76 -9.61
C ALA D 92 16.63 -16.68 -10.67
N VAL D 93 15.33 -16.94 -10.55
CA VAL D 93 14.57 -17.72 -11.51
C VAL D 93 13.51 -16.81 -12.10
N TYR D 94 13.44 -16.74 -13.42
CA TYR D 94 12.55 -15.84 -14.12
C TYR D 94 11.46 -16.64 -14.82
N TYR D 95 10.21 -16.33 -14.49
CA TYR D 95 9.04 -17.02 -15.03
C TYR D 95 8.34 -16.15 -16.06
N CYS D 96 7.84 -16.80 -17.09
CA CYS D 96 6.94 -16.21 -18.07
C CYS D 96 5.55 -16.80 -17.90
N ALA D 97 4.53 -15.95 -17.89
CA ALA D 97 3.19 -16.37 -17.59
C ALA D 97 2.19 -15.58 -18.42
N ARG D 98 0.99 -16.14 -18.56
CA ARG D 98 -0.09 -15.53 -19.32
C ARG D 98 -1.23 -15.17 -18.38
N SER D 99 -1.85 -14.01 -18.58
CA SER D 99 -2.87 -13.50 -17.68
C SER D 99 -4.23 -13.47 -18.36
N TYR D 100 -5.26 -13.92 -17.64
CA TYR D 100 -6.62 -13.87 -18.15
C TYR D 100 -7.53 -12.97 -17.33
N TYR D 101 -7.74 -13.24 -16.05
CA TYR D 101 -8.81 -12.57 -15.31
C TYR D 101 -8.23 -11.71 -14.21
N GLY D 102 -7.18 -10.96 -14.52
CA GLY D 102 -6.38 -10.35 -13.48
C GLY D 102 -5.46 -11.32 -12.80
N SER D 103 -5.28 -12.50 -13.37
CA SER D 103 -4.53 -13.57 -12.73
C SER D 103 -3.60 -14.21 -13.74
N LEU D 104 -2.49 -14.73 -13.23
CA LEU D 104 -1.49 -15.38 -14.08
C LEU D 104 -1.98 -16.79 -14.38
N ASP D 105 -2.50 -16.95 -15.60
CA ASP D 105 -3.33 -18.11 -15.94
C ASP D 105 -2.49 -19.38 -16.06
N TYR D 106 -1.44 -19.34 -16.88
CA TYR D 106 -0.52 -20.45 -17.05
C TYR D 106 0.91 -19.94 -16.91
N TRP D 107 1.82 -20.83 -16.53
CA TRP D 107 3.20 -20.46 -16.22
C TRP D 107 4.17 -21.32 -17.01
N GLY D 108 5.38 -20.78 -17.22
CA GLY D 108 6.48 -21.54 -17.74
C GLY D 108 7.22 -22.28 -16.64
N GLN D 109 8.25 -23.03 -17.03
CA GLN D 109 8.97 -23.82 -16.05
C GLN D 109 10.06 -23.03 -15.32
N GLY D 110 10.44 -21.88 -15.83
CA GLY D 110 11.43 -21.07 -15.15
C GLY D 110 12.81 -21.23 -15.74
N THR D 111 13.62 -20.18 -15.59
CA THR D 111 14.97 -20.14 -16.13
C THR D 111 15.92 -19.66 -15.05
N THR D 112 16.82 -20.54 -14.62
CA THR D 112 17.78 -20.17 -13.59
C THR D 112 18.95 -19.42 -14.21
N LEU D 113 19.29 -18.29 -13.62
CA LEU D 113 20.37 -17.44 -14.10
C LEU D 113 21.42 -17.31 -12.99
N THR D 114 22.67 -17.61 -13.32
CA THR D 114 23.77 -17.51 -12.39
C THR D 114 24.74 -16.45 -12.89
N VAL D 115 25.04 -15.47 -12.05
CA VAL D 115 25.89 -14.34 -12.42
C VAL D 115 27.10 -14.37 -11.50
N SER D 116 28.22 -14.92 -11.98
CA SER D 116 29.40 -15.03 -11.15
C SER D 116 30.64 -15.02 -12.03
N SER D 117 31.79 -14.74 -11.41
CA SER D 117 33.04 -14.56 -12.11
C SER D 117 34.01 -15.74 -11.93
N ALA D 118 33.53 -16.87 -11.43
CA ALA D 118 34.41 -18.00 -11.17
C ALA D 118 34.51 -18.91 -12.38
N LYS D 119 35.65 -19.61 -12.48
CA LYS D 119 35.87 -20.55 -13.57
C LYS D 119 35.46 -21.96 -13.15
N THR D 120 35.39 -22.86 -14.12
CA THR D 120 35.03 -24.24 -13.83
C THR D 120 36.14 -24.90 -13.02
N THR D 121 35.75 -25.54 -11.91
CA THR D 121 36.68 -26.06 -10.93
C THR D 121 36.24 -27.46 -10.51
N PRO D 122 37.18 -28.36 -10.24
CA PRO D 122 36.82 -29.68 -9.73
C PRO D 122 36.54 -29.65 -8.25
N PRO D 123 35.75 -30.58 -7.73
CA PRO D 123 35.52 -30.66 -6.29
C PRO D 123 36.63 -31.41 -5.59
N SER D 124 36.78 -31.13 -4.30
CA SER D 124 37.80 -31.74 -3.47
C SER D 124 37.10 -32.67 -2.48
N VAL D 125 37.10 -33.96 -2.77
CA VAL D 125 36.39 -34.93 -1.94
C VAL D 125 37.23 -35.26 -0.72
N TYR D 126 36.64 -35.12 0.47
CA TYR D 126 37.28 -35.49 1.71
C TYR D 126 36.40 -36.42 2.51
N PRO D 127 36.98 -37.34 3.28
CA PRO D 127 36.20 -38.22 4.14
C PRO D 127 36.07 -37.65 5.55
N LEU D 128 35.01 -38.10 6.23
CA LEU D 128 34.79 -37.75 7.63
C LEU D 128 34.61 -39.04 8.42
N ALA D 129 35.39 -39.20 9.48
CA ALA D 129 35.35 -40.41 10.29
C ALA D 129 35.35 -40.02 11.77
N PRO D 130 34.71 -40.82 12.62
CA PRO D 130 34.65 -40.48 14.05
C PRO D 130 36.02 -40.54 14.72
N GLY D 131 36.08 -40.10 15.97
CA GLY D 131 37.34 -40.06 16.69
C GLY D 131 37.65 -41.32 17.46
N SER D 132 37.92 -41.18 18.76
CA SER D 132 38.32 -42.31 19.59
C SER D 132 37.16 -43.26 19.91
N ALA D 133 35.94 -42.75 19.99
CA ALA D 133 34.79 -43.59 20.31
C ALA D 133 33.57 -43.09 19.56
N ALA D 134 32.75 -44.02 19.10
CA ALA D 134 31.56 -43.66 18.35
C ALA D 134 30.55 -42.95 19.26
N GLN D 135 29.77 -42.05 18.66
CA GLN D 135 28.77 -41.29 19.40
C GLN D 135 27.67 -42.19 19.98
N THR D 136 27.40 -43.34 19.38
CA THR D 136 26.49 -44.32 19.94
C THR D 136 27.15 -45.70 19.89
N ASN D 137 26.67 -46.60 20.74
CA ASN D 137 27.20 -47.96 20.79
C ASN D 137 26.53 -48.90 19.79
N SER D 138 25.54 -48.42 19.04
CA SER D 138 24.84 -49.26 18.07
C SER D 138 24.85 -48.71 16.65
N MET D 139 24.74 -47.40 16.48
CA MET D 139 24.71 -46.77 15.16
C MET D 139 25.84 -45.76 15.05
N VAL D 140 26.49 -45.75 13.89
CA VAL D 140 27.61 -44.86 13.62
C VAL D 140 27.27 -44.04 12.38
N THR D 141 27.57 -42.74 12.45
CA THR D 141 27.23 -41.80 11.38
C THR D 141 28.50 -41.46 10.60
N LEU D 142 28.48 -41.78 9.31
CA LEU D 142 29.61 -41.51 8.42
C LEU D 142 29.23 -40.39 7.47
N GLY D 143 30.24 -39.80 6.85
CA GLY D 143 30.01 -38.71 5.91
C GLY D 143 31.26 -38.38 5.14
N CYS D 144 31.06 -37.73 3.99
CA CYS D 144 32.18 -37.28 3.17
C CYS D 144 31.86 -35.91 2.58
N LEU D 145 32.85 -35.03 2.59
CA LEU D 145 32.69 -33.62 2.26
C LEU D 145 33.07 -33.35 0.81
N VAL D 146 32.37 -32.40 0.20
CA VAL D 146 32.68 -31.91 -1.14
C VAL D 146 32.84 -30.40 -1.06
N LYS D 147 33.98 -29.88 -1.53
CA LYS D 147 34.31 -28.48 -1.28
C LYS D 147 34.96 -27.83 -2.50
N GLY D 148 34.55 -26.60 -2.79
CA GLY D 148 35.25 -25.74 -3.72
C GLY D 148 34.79 -25.82 -5.17
N TYR D 149 33.86 -26.72 -5.49
CA TYR D 149 33.51 -26.95 -6.89
C TYR D 149 32.73 -25.77 -7.46
N PHE D 150 32.73 -25.68 -8.80
CA PHE D 150 31.98 -24.67 -9.53
C PHE D 150 31.86 -25.13 -10.97
N PRO D 151 30.67 -25.10 -11.58
CA PRO D 151 29.39 -24.67 -11.02
C PRO D 151 28.53 -25.85 -10.55
N GLU D 152 27.29 -25.59 -10.18
CA GLU D 152 26.38 -26.64 -9.79
C GLU D 152 26.01 -27.50 -10.99
N PRO D 153 25.56 -28.74 -10.76
CA PRO D 153 25.50 -29.49 -9.51
C PRO D 153 26.48 -30.66 -9.42
N VAL D 154 26.80 -31.14 -8.23
CA VAL D 154 27.46 -32.42 -8.06
C VAL D 154 26.41 -33.46 -7.68
N THR D 155 26.74 -34.73 -7.83
CA THR D 155 25.85 -35.82 -7.43
C THR D 155 26.62 -36.78 -6.55
N VAL D 156 26.05 -37.10 -5.38
CA VAL D 156 26.71 -37.92 -4.38
C VAL D 156 25.87 -39.18 -4.16
N THR D 157 26.52 -40.33 -4.23
CA THR D 157 25.92 -41.61 -3.89
C THR D 157 26.91 -42.37 -3.02
N TRP D 158 26.39 -43.30 -2.22
CA TRP D 158 27.18 -44.00 -1.22
C TRP D 158 27.31 -45.47 -1.59
N ASN D 159 28.54 -45.93 -1.74
CA ASN D 159 28.86 -47.32 -2.08
C ASN D 159 28.12 -47.76 -3.35
N SER D 160 28.24 -46.92 -4.38
CA SER D 160 27.64 -47.17 -5.69
C SER D 160 26.13 -47.37 -5.60
N GLY D 161 25.47 -46.62 -4.73
CA GLY D 161 24.03 -46.70 -4.57
C GLY D 161 23.55 -47.83 -3.68
N SER D 162 24.46 -48.61 -3.09
CA SER D 162 24.03 -49.67 -2.18
C SER D 162 23.36 -49.10 -0.95
N LEU D 163 23.92 -48.02 -0.38
CA LEU D 163 23.35 -47.38 0.80
C LEU D 163 22.29 -46.37 0.32
N SER D 164 21.10 -46.90 0.04
CA SER D 164 19.96 -46.07 -0.35
C SER D 164 19.14 -45.61 0.84
N SER D 165 19.54 -45.97 2.06
CA SER D 165 18.82 -45.59 3.26
C SER D 165 19.77 -44.92 4.24
N GLY D 166 19.22 -44.06 5.10
CA GLY D 166 20.00 -43.37 6.09
C GLY D 166 20.86 -42.23 5.56
N VAL D 167 20.73 -41.89 4.28
CA VAL D 167 21.58 -40.89 3.65
C VAL D 167 20.85 -39.56 3.62
N HIS D 168 21.55 -38.50 4.02
CA HIS D 168 21.02 -37.13 4.01
C HIS D 168 22.04 -36.26 3.30
N THR D 169 21.74 -35.90 2.06
CA THR D 169 22.61 -34.99 1.29
C THR D 169 22.06 -33.57 1.50
N PHE D 170 22.93 -32.63 1.88
CA PHE D 170 22.46 -31.29 2.19
C PHE D 170 22.62 -30.38 0.98
N PRO D 171 21.71 -29.43 0.80
CA PRO D 171 21.82 -28.50 -0.33
C PRO D 171 23.05 -27.63 -0.21
N ALA D 172 23.61 -27.27 -1.36
CA ALA D 172 24.89 -26.59 -1.41
C ALA D 172 24.80 -25.18 -0.89
N VAL D 173 25.95 -24.66 -0.46
CA VAL D 173 26.10 -23.26 -0.07
C VAL D 173 27.44 -22.79 -0.59
N LEU D 174 27.51 -21.53 -0.98
CA LEU D 174 28.68 -20.99 -1.65
C LEU D 174 29.38 -19.96 -0.77
N GLN D 175 30.71 -20.07 -0.74
CA GLN D 175 31.57 -19.09 -0.09
C GLN D 175 32.67 -18.70 -1.06
N SER D 176 32.94 -17.40 -1.17
CA SER D 176 33.99 -16.85 -2.01
C SER D 176 33.93 -17.41 -3.43
N ASP D 177 32.72 -17.43 -3.97
CA ASP D 177 32.46 -17.89 -5.34
C ASP D 177 32.93 -19.34 -5.55
N LEU D 178 32.89 -20.14 -4.49
CA LEU D 178 33.16 -21.57 -4.58
C LEU D 178 32.14 -22.30 -3.72
N TYR D 179 31.58 -23.38 -4.25
CA TYR D 179 30.47 -24.06 -3.61
C TYR D 179 30.96 -25.12 -2.63
N THR D 180 30.07 -25.47 -1.69
CA THR D 180 30.37 -26.44 -0.64
C THR D 180 29.17 -27.34 -0.44
N LEU D 181 29.43 -28.58 -0.07
CA LEU D 181 28.35 -29.56 0.10
C LEU D 181 28.89 -30.73 0.91
N SER D 182 28.05 -31.26 1.79
CA SER D 182 28.42 -32.41 2.62
C SER D 182 27.25 -33.36 2.68
N SER D 183 27.56 -34.65 2.88
CA SER D 183 26.57 -35.70 2.90
C SER D 183 26.84 -36.64 4.07
N SER D 184 25.82 -37.37 4.49
CA SER D 184 25.88 -38.21 5.68
C SER D 184 25.27 -39.57 5.41
N VAL D 185 25.69 -40.55 6.19
CA VAL D 185 25.10 -41.89 6.16
C VAL D 185 25.30 -42.54 7.52
N THR D 186 24.36 -43.41 7.89
CA THR D 186 24.39 -44.12 9.16
C THR D 186 24.23 -45.61 8.91
N VAL D 187 25.10 -46.40 9.52
CA VAL D 187 25.08 -47.85 9.39
C VAL D 187 25.20 -48.47 10.78
N PRO D 188 24.65 -49.68 10.96
CA PRO D 188 24.79 -50.35 12.26
C PRO D 188 26.26 -50.64 12.56
N SER D 189 26.59 -50.60 13.85
CA SER D 189 27.98 -50.67 14.28
C SER D 189 28.66 -51.98 13.87
N SER D 190 27.88 -53.04 13.60
CA SER D 190 28.46 -54.28 13.13
C SER D 190 28.86 -54.24 11.67
N THR D 191 28.42 -53.23 10.92
CA THR D 191 28.69 -53.12 9.50
C THR D 191 29.86 -52.19 9.17
N TRP D 192 30.40 -51.48 10.16
CA TRP D 192 31.59 -50.67 9.96
C TRP D 192 32.57 -51.01 11.08
N PRO D 193 33.84 -51.32 10.77
CA PRO D 193 34.49 -51.32 9.45
C PRO D 193 34.26 -52.59 8.63
N SER D 194 33.10 -53.24 8.77
CA SER D 194 32.82 -54.43 7.97
C SER D 194 32.55 -54.12 6.50
N GLU D 195 32.37 -52.86 6.14
CA GLU D 195 32.07 -52.48 4.77
C GLU D 195 32.91 -51.25 4.42
N THR D 196 32.58 -50.61 3.30
CA THR D 196 33.40 -49.54 2.74
C THR D 196 32.84 -48.16 3.07
N VAL D 197 33.74 -47.19 3.07
CA VAL D 197 33.42 -45.78 3.31
C VAL D 197 33.36 -44.98 2.00
N THR D 198 33.45 -45.67 0.86
CA THR D 198 33.60 -45.00 -0.42
C THR D 198 32.31 -44.28 -0.80
N CYS D 199 32.41 -42.97 -1.03
CA CYS D 199 31.32 -42.19 -1.59
C CYS D 199 31.67 -41.83 -3.03
N ASN D 200 30.73 -42.06 -3.94
CA ASN D 200 30.92 -41.82 -5.36
C ASN D 200 30.42 -40.42 -5.70
N VAL D 201 31.37 -39.50 -5.91
CA VAL D 201 31.06 -38.11 -6.26
C VAL D 201 31.23 -37.92 -7.74
N ALA D 202 30.28 -37.21 -8.35
CA ALA D 202 30.30 -36.96 -9.79
C ALA D 202 30.16 -35.46 -10.04
N HIS D 203 30.75 -35.00 -11.14
CA HIS D 203 30.70 -33.60 -11.52
C HIS D 203 30.59 -33.51 -13.02
N PRO D 204 29.37 -33.42 -13.56
CA PRO D 204 29.22 -33.44 -15.02
C PRO D 204 29.92 -32.29 -15.73
N ALA D 205 30.03 -31.13 -15.09
CA ALA D 205 30.62 -29.98 -15.75
C ALA D 205 32.09 -30.22 -16.10
N SER D 206 32.86 -30.76 -15.16
CA SER D 206 34.27 -31.05 -15.39
C SER D 206 34.52 -32.52 -15.67
N SER D 207 33.49 -33.36 -15.65
CA SER D 207 33.59 -34.79 -15.91
C SER D 207 34.63 -35.45 -15.00
N THR D 208 34.35 -35.38 -13.70
CA THR D 208 35.21 -35.98 -12.70
C THR D 208 34.41 -36.90 -11.79
N GLU E 1 12.87 20.73 6.76
CA GLU E 1 11.67 21.19 6.07
C GLU E 1 11.48 22.70 6.22
N LEU E 2 10.40 23.20 5.65
CA LEU E 2 10.15 24.64 5.62
C LEU E 2 9.81 25.18 7.00
N GLN E 3 10.74 25.91 7.61
CA GLN E 3 10.55 26.44 8.96
C GLN E 3 9.96 27.83 8.85
N MET E 4 8.65 27.92 9.05
CA MET E 4 7.97 29.21 9.04
C MET E 4 8.34 30.00 10.30
N THR E 5 8.79 31.23 10.12
CA THR E 5 9.30 32.04 11.21
C THR E 5 8.38 33.22 11.47
N GLN E 6 7.93 33.36 12.71
CA GLN E 6 7.08 34.46 13.13
C GLN E 6 7.80 35.28 14.19
N SER E 7 7.78 36.60 14.03
CA SER E 7 8.39 37.48 15.01
C SER E 7 7.76 38.85 14.85
N PRO E 8 7.47 39.57 15.94
CA PRO E 8 7.69 39.24 17.34
C PRO E 8 6.68 38.27 17.92
N LYS E 9 6.93 37.75 19.13
CA LYS E 9 6.01 36.81 19.76
C LYS E 9 4.79 37.51 20.35
N PHE E 10 4.92 38.78 20.75
CA PHE E 10 3.81 39.53 21.32
C PHE E 10 3.64 40.84 20.56
N MET E 11 2.39 41.25 20.37
CA MET E 11 2.07 42.43 19.58
C MET E 11 1.04 43.26 20.33
N SER E 12 1.32 44.54 20.54
CA SER E 12 0.45 45.41 21.31
C SER E 12 -0.30 46.35 20.39
N THR E 13 -1.60 46.53 20.66
CA THR E 13 -2.43 47.40 19.85
C THR E 13 -3.57 47.94 20.70
N SER E 14 -4.11 49.08 20.28
CA SER E 14 -5.29 49.65 20.91
C SER E 14 -6.53 49.20 20.15
N VAL E 15 -7.67 49.82 20.43
CA VAL E 15 -8.93 49.48 19.77
C VAL E 15 -9.19 50.46 18.65
N GLY E 16 -9.47 49.94 17.46
CA GLY E 16 -9.85 50.74 16.31
C GLY E 16 -8.74 50.96 15.30
N ASP E 17 -7.48 50.79 15.70
CA ASP E 17 -6.37 51.05 14.80
C ASP E 17 -5.98 49.78 14.05
N ARG E 18 -4.87 49.83 13.31
CA ARG E 18 -4.51 48.80 12.36
C ARG E 18 -3.26 48.06 12.79
N VAL E 19 -3.31 46.73 12.71
CA VAL E 19 -2.23 45.85 13.13
C VAL E 19 -1.68 45.11 11.91
N SER E 20 -0.42 44.73 11.98
CA SER E 20 0.24 43.98 10.91
C SER E 20 1.05 42.85 11.51
N VAL E 21 0.75 41.62 11.12
CA VAL E 21 1.44 40.43 11.60
C VAL E 21 2.18 39.81 10.43
N THR E 22 3.49 39.61 10.59
CA THR E 22 4.35 39.15 9.51
C THR E 22 4.76 37.70 9.72
N CYS E 23 4.94 36.99 8.61
CA CYS E 23 5.36 35.60 8.61
C CYS E 23 6.34 35.40 7.46
N LYS E 24 7.53 34.88 7.76
CA LYS E 24 8.57 34.70 6.75
C LYS E 24 9.07 33.27 6.79
N ALA E 25 9.13 32.63 5.62
CA ALA E 25 9.50 31.22 5.51
C ALA E 25 10.92 31.08 5.00
N SER E 26 11.45 29.86 5.14
CA SER E 26 12.81 29.55 4.70
C SER E 26 12.90 29.21 3.22
N GLN E 27 11.81 28.73 2.60
CA GLN E 27 11.79 28.43 1.19
C GLN E 27 10.54 29.04 0.58
N ASN E 28 10.57 29.19 -0.74
CA ASN E 28 9.43 29.78 -1.42
C ASN E 28 8.24 28.85 -1.37
N VAL E 29 7.06 29.42 -1.11
CA VAL E 29 5.83 28.65 -0.95
C VAL E 29 4.76 29.25 -1.85
N SER E 30 3.67 28.50 -2.00
CA SER E 30 2.53 28.94 -2.80
C SER E 30 1.36 29.35 -1.93
N ASN E 31 0.93 28.46 -1.03
CA ASN E 31 -0.22 28.69 -0.16
C ASN E 31 0.25 28.96 1.26
N VAL E 32 -0.28 30.02 1.87
CA VAL E 32 -0.06 30.30 3.28
C VAL E 32 -1.40 30.67 3.90
N ALA E 33 -1.77 29.96 4.96
CA ALA E 33 -3.06 30.14 5.62
C ALA E 33 -2.86 30.69 7.03
N TRP E 34 -3.84 31.46 7.49
CA TRP E 34 -3.77 32.13 8.77
C TRP E 34 -4.86 31.58 9.68
N TYR E 35 -4.48 31.27 10.92
CA TYR E 35 -5.36 30.65 11.88
C TYR E 35 -5.43 31.49 13.14
N GLN E 36 -6.61 31.50 13.77
CA GLN E 36 -6.85 32.21 15.02
C GLN E 36 -7.25 31.23 16.10
N GLN E 37 -6.82 31.50 17.33
CA GLN E 37 -7.15 30.64 18.45
C GLN E 37 -7.38 31.48 19.69
N LYS E 38 -8.50 31.24 20.37
CA LYS E 38 -8.75 31.86 21.65
C LYS E 38 -8.53 30.85 22.76
N PRO E 39 -8.15 31.29 23.97
CA PRO E 39 -7.77 30.35 25.02
C PRO E 39 -8.87 29.34 25.32
N GLY E 40 -8.49 28.07 25.39
CA GLY E 40 -9.43 27.01 25.65
C GLY E 40 -10.30 26.60 24.48
N GLN E 41 -9.99 27.07 23.27
CA GLN E 41 -10.81 26.78 22.11
C GLN E 41 -9.94 26.28 20.97
N SER E 42 -10.57 25.54 20.05
CA SER E 42 -9.86 25.00 18.91
C SER E 42 -9.63 26.08 17.86
N PRO E 43 -8.54 25.98 17.09
CA PRO E 43 -8.19 27.05 16.16
C PRO E 43 -9.25 27.23 15.07
N LYS E 44 -9.30 28.45 14.54
CA LYS E 44 -10.22 28.80 13.47
C LYS E 44 -9.44 29.38 12.30
N ALA E 45 -9.87 29.01 11.09
CA ALA E 45 -9.22 29.46 9.87
C ALA E 45 -9.77 30.80 9.43
N MET E 46 -8.88 31.68 8.98
CA MET E 46 -9.26 33.03 8.55
C MET E 46 -8.98 33.28 7.08
N ILE E 47 -7.80 32.91 6.60
CA ILE E 47 -7.34 33.25 5.26
C ILE E 47 -6.66 32.04 4.66
N TYR E 48 -6.92 31.78 3.37
CA TYR E 48 -6.24 30.73 2.64
C TYR E 48 -5.62 31.31 1.37
N SER E 49 -4.49 30.74 0.96
CA SER E 49 -3.75 31.17 -0.24
C SER E 49 -3.32 32.63 -0.15
N ALA E 50 -3.13 33.12 1.07
CA ALA E 50 -2.53 34.40 1.44
C ALA E 50 -3.42 35.61 1.23
N SER E 51 -4.52 35.52 0.50
CA SER E 51 -5.31 36.73 0.26
C SER E 51 -6.82 36.53 0.30
N TYR E 52 -7.34 35.34 0.61
CA TYR E 52 -8.76 35.06 0.48
C TYR E 52 -9.36 34.69 1.82
N ARG E 53 -10.43 35.37 2.20
CA ARG E 53 -11.11 35.12 3.45
C ARG E 53 -11.90 33.82 3.40
N TYR E 54 -12.11 33.23 4.56
CA TYR E 54 -12.99 32.09 4.67
C TYR E 54 -14.44 32.56 4.81
N SER E 55 -15.34 31.62 5.05
CA SER E 55 -16.75 31.97 5.20
C SER E 55 -16.99 32.62 6.56
N GLY E 56 -17.62 33.79 6.55
CA GLY E 56 -18.00 34.47 7.76
C GLY E 56 -16.95 35.38 8.37
N VAL E 57 -15.76 35.43 7.81
CA VAL E 57 -14.70 36.28 8.35
C VAL E 57 -15.00 37.74 7.98
N PRO E 58 -14.93 38.66 8.92
CA PRO E 58 -15.18 40.07 8.60
C PRO E 58 -14.14 40.62 7.63
N GLY E 59 -14.51 41.70 6.95
CA GLY E 59 -13.64 42.29 5.94
C GLY E 59 -12.42 42.96 6.49
N ARG E 60 -12.29 43.07 7.81
CA ARG E 60 -11.13 43.71 8.42
C ARG E 60 -9.85 42.89 8.22
N PHE E 61 -9.98 41.63 7.82
CA PHE E 61 -8.83 40.74 7.68
C PHE E 61 -8.41 40.66 6.22
N THR E 62 -7.21 41.17 5.93
CA THR E 62 -6.63 41.05 4.59
C THR E 62 -5.21 40.55 4.71
N GLY E 63 -4.76 39.82 3.70
CA GLY E 63 -3.42 39.26 3.70
C GLY E 63 -2.64 39.52 2.43
N SER E 64 -1.35 39.82 2.57
CA SER E 64 -0.49 40.13 1.44
C SER E 64 0.72 39.22 1.46
N GLY E 65 1.50 39.26 0.40
CA GLY E 65 2.70 38.46 0.29
C GLY E 65 2.62 37.48 -0.88
N SER E 66 3.79 37.00 -1.28
CA SER E 66 3.93 36.04 -2.37
C SER E 66 5.33 35.48 -2.34
N GLY E 67 5.44 34.17 -2.55
CA GLY E 67 6.73 33.51 -2.53
C GLY E 67 7.28 33.40 -1.12
N THR E 68 7.44 34.54 -0.47
CA THR E 68 7.92 34.63 0.91
C THR E 68 7.41 35.95 1.48
N ASP E 69 7.78 36.22 2.72
CA ASP E 69 7.46 37.49 3.39
C ASP E 69 5.97 37.80 3.32
N PHE E 70 5.18 36.93 3.95
CA PHE E 70 3.73 37.07 3.98
C PHE E 70 3.31 37.98 5.13
N THR E 71 2.06 38.44 5.07
CA THR E 71 1.59 39.38 6.05
C THR E 71 0.08 39.25 6.21
N LEU E 72 -0.37 39.22 7.46
CA LEU E 72 -1.78 39.31 7.82
C LEU E 72 -2.00 40.62 8.57
N THR E 73 -3.00 41.38 8.15
CA THR E 73 -3.24 42.68 8.76
C THR E 73 -4.71 42.81 9.14
N ILE E 74 -4.95 43.60 10.19
CA ILE E 74 -6.27 43.92 10.68
C ILE E 74 -6.38 45.44 10.74
N ASN E 75 -7.50 45.97 10.26
CA ASN E 75 -7.59 47.41 10.09
C ASN E 75 -8.27 48.12 11.25
N ASN E 76 -9.36 47.55 11.77
CA ASN E 76 -10.16 48.22 12.80
C ASN E 76 -10.50 47.18 13.87
N VAL E 77 -9.68 47.12 14.91
CA VAL E 77 -9.85 46.16 16.00
C VAL E 77 -11.24 46.30 16.60
N GLN E 78 -11.86 45.19 16.94
CA GLN E 78 -13.21 45.19 17.52
C GLN E 78 -13.29 44.45 18.84
N SER E 79 -12.16 44.25 19.52
CA SER E 79 -12.10 43.68 20.86
C SER E 79 -12.45 42.19 20.85
N GLU E 80 -12.89 41.68 19.71
CA GLU E 80 -13.02 40.25 19.49
C GLU E 80 -11.86 39.70 18.69
N ASP E 81 -10.92 40.54 18.29
CA ASP E 81 -9.74 40.12 17.54
C ASP E 81 -8.56 39.81 18.44
N LEU E 82 -8.73 39.90 19.75
CA LEU E 82 -7.64 39.64 20.68
C LEU E 82 -7.48 38.13 20.79
N ALA E 83 -6.47 37.60 20.11
CA ALA E 83 -6.22 36.16 20.12
C ALA E 83 -4.82 35.92 19.57
N THR E 84 -4.47 34.66 19.35
CA THR E 84 -3.17 34.25 18.85
C THR E 84 -3.31 33.79 17.41
N TYR E 85 -2.39 34.21 16.55
CA TYR E 85 -2.46 33.97 15.12
C TYR E 85 -1.24 33.18 14.66
N PHE E 86 -1.48 32.18 13.81
CA PHE E 86 -0.44 31.33 13.25
C PHE E 86 -0.49 31.40 11.73
N CYS E 87 0.63 31.10 11.10
CA CYS E 87 0.72 30.91 9.66
C CYS E 87 1.13 29.47 9.38
N GLN E 88 0.54 28.88 8.34
CA GLN E 88 0.81 27.49 7.99
C GLN E 88 1.04 27.35 6.49
N GLN E 89 2.03 26.55 6.12
CA GLN E 89 2.27 26.14 4.75
C GLN E 89 1.84 24.70 4.59
N ASN E 90 1.08 24.41 3.53
CA ASN E 90 0.75 23.04 3.18
C ASN E 90 1.40 22.62 1.87
N SER E 91 2.30 23.46 1.35
CA SER E 91 2.84 23.24 0.01
C SER E 91 3.64 21.95 -0.07
N SER E 92 4.50 21.71 0.91
CA SER E 92 5.40 20.56 0.89
C SER E 92 5.34 19.83 2.21
N PHE E 93 5.35 18.50 2.14
CA PHE E 93 5.29 17.68 3.34
C PHE E 93 6.57 17.86 4.16
N PRO E 94 6.48 17.88 5.49
CA PRO E 94 5.27 17.89 6.31
C PRO E 94 4.73 19.30 6.48
N PHE E 95 3.44 19.46 6.77
CA PHE E 95 2.88 20.80 6.96
C PHE E 95 3.46 21.39 8.23
N THR E 96 3.90 22.65 8.16
CA THR E 96 4.58 23.30 9.26
C THR E 96 3.84 24.57 9.66
N PHE E 97 3.58 24.72 10.94
CA PHE E 97 2.92 25.89 11.48
C PHE E 97 3.93 26.93 11.94
N GLY E 98 3.49 28.17 12.03
CA GLY E 98 4.30 29.23 12.59
C GLY E 98 4.30 29.21 14.10
N GLY E 99 5.16 30.06 14.67
CA GLY E 99 5.26 30.14 16.12
C GLY E 99 4.01 30.68 16.78
N GLY E 100 3.45 31.76 16.25
CA GLY E 100 2.27 32.36 16.82
C GLY E 100 2.51 33.73 17.41
N THR E 101 1.62 34.68 17.13
CA THR E 101 1.70 36.03 17.67
C THR E 101 0.44 36.31 18.47
N LYS E 102 0.62 36.77 19.71
CA LYS E 102 -0.51 37.11 20.58
C LYS E 102 -0.75 38.62 20.51
N LEU E 103 -2.02 39.00 20.39
CA LEU E 103 -2.41 40.37 20.15
C LEU E 103 -3.23 40.86 21.33
N GLU E 104 -2.78 41.94 21.97
CA GLU E 104 -3.33 42.36 23.25
C GLU E 104 -3.52 43.87 23.27
N ILE E 105 -4.10 44.35 24.37
CA ILE E 105 -4.47 45.76 24.51
C ILE E 105 -3.33 46.56 25.11
N LYS E 106 -3.14 47.77 24.61
CA LYS E 106 -2.19 48.72 25.18
C LYS E 106 -2.92 49.68 26.10
N ARG E 107 -2.32 49.97 27.25
CA ARG E 107 -2.96 50.81 28.25
C ARG E 107 -1.91 51.62 28.98
N ALA E 108 -2.37 52.47 29.91
CA ALA E 108 -1.46 53.24 30.72
C ALA E 108 -0.71 52.34 31.70
N ASP E 109 0.51 52.73 32.04
CA ASP E 109 1.35 51.92 32.92
C ASP E 109 0.76 51.86 34.32
N ALA E 110 1.00 50.74 35.00
CA ALA E 110 0.55 50.55 36.37
C ALA E 110 1.66 49.86 37.16
N ALA E 111 1.60 50.01 38.48
CA ALA E 111 2.59 49.44 39.37
C ALA E 111 1.99 48.31 40.20
N PRO E 112 2.79 47.31 40.55
CA PRO E 112 2.26 46.17 41.30
C PRO E 112 1.97 46.51 42.75
N THR E 113 0.86 45.97 43.26
CA THR E 113 0.53 46.07 44.68
C THR E 113 1.00 44.79 45.36
N VAL E 114 2.18 44.84 45.97
CA VAL E 114 2.88 43.65 46.43
C VAL E 114 2.41 43.28 47.84
N SER E 115 2.27 41.98 48.07
CA SER E 115 1.93 41.46 49.38
C SER E 115 2.66 40.13 49.58
N ILE E 116 3.10 39.88 50.81
CA ILE E 116 3.84 38.68 51.16
C ILE E 116 3.22 38.09 52.41
N PHE E 117 3.14 36.76 52.45
CA PHE E 117 2.49 36.10 53.56
C PHE E 117 3.42 35.06 54.20
N PRO E 118 3.41 34.93 55.51
CA PRO E 118 4.20 33.91 56.18
C PRO E 118 3.60 32.53 55.97
N PRO E 119 4.39 31.47 56.10
CA PRO E 119 3.84 30.11 55.94
C PRO E 119 2.77 29.83 56.97
N SER E 120 1.74 29.09 56.56
CA SER E 120 0.62 28.81 57.42
C SER E 120 1.05 27.97 58.62
N SER E 121 0.49 28.29 59.79
CA SER E 121 0.79 27.53 60.99
C SER E 121 0.32 26.09 60.87
N GLU E 122 -0.85 25.87 60.26
CA GLU E 122 -1.34 24.52 60.05
C GLU E 122 -0.39 23.71 59.17
N GLN E 123 0.15 24.35 58.12
CA GLN E 123 1.12 23.67 57.27
C GLN E 123 2.40 23.36 58.04
N LEU E 124 2.84 24.29 58.89
CA LEU E 124 4.04 24.04 59.69
C LEU E 124 3.82 22.87 60.65
N THR E 125 2.60 22.74 61.18
CA THR E 125 2.29 21.62 62.06
C THR E 125 2.46 20.28 61.36
N SER E 126 2.14 20.23 60.06
CA SER E 126 2.28 19.01 59.28
C SER E 126 3.66 18.84 58.67
N GLY E 127 4.57 19.78 58.93
CA GLY E 127 5.92 19.68 58.38
C GLY E 127 6.11 20.33 57.03
N GLY E 128 5.22 21.22 56.62
CA GLY E 128 5.33 21.91 55.35
C GLY E 128 5.73 23.37 55.57
N ALA E 129 6.58 23.88 54.67
CA ALA E 129 7.09 25.24 54.77
C ALA E 129 7.11 25.86 53.37
N SER E 130 6.15 26.72 53.09
CA SER E 130 6.05 27.41 51.81
C SER E 130 5.75 28.89 52.05
N VAL E 131 6.39 29.75 51.27
CA VAL E 131 6.27 31.19 51.42
C VAL E 131 5.68 31.75 50.12
N VAL E 132 4.67 32.62 50.26
CA VAL E 132 3.88 33.10 49.14
C VAL E 132 4.08 34.60 48.98
N CYS E 133 4.22 35.06 47.74
CA CYS E 133 4.36 36.47 47.41
C CYS E 133 3.39 36.81 46.29
N PHE E 134 2.89 38.05 46.30
CA PHE E 134 1.87 38.48 45.36
C PHE E 134 2.27 39.78 44.69
N LEU E 135 1.80 39.95 43.45
CA LEU E 135 2.07 41.15 42.66
C LEU E 135 0.86 41.36 41.74
N ASN E 136 0.01 42.31 42.08
CA ASN E 136 -1.27 42.47 41.40
C ASN E 136 -1.33 43.76 40.61
N ASN E 137 -2.03 43.69 39.47
CA ASN E 137 -2.46 44.86 38.70
C ASN E 137 -1.27 45.73 38.28
N PHE E 138 -0.41 45.15 37.44
CA PHE E 138 0.70 45.87 36.85
C PHE E 138 0.66 45.76 35.34
N TYR E 139 1.22 46.77 34.68
CA TYR E 139 1.31 46.80 33.22
C TYR E 139 2.55 47.59 32.84
N PRO E 140 3.35 47.12 31.88
CA PRO E 140 3.16 45.95 31.02
C PRO E 140 3.55 44.64 31.68
N LYS E 141 3.45 43.55 30.93
CA LYS E 141 3.60 42.22 31.50
C LYS E 141 5.04 41.92 31.90
N ASP E 142 6.01 42.64 31.32
CA ASP E 142 7.40 42.35 31.62
C ASP E 142 7.71 42.67 33.08
N ILE E 143 8.23 41.67 33.80
CA ILE E 143 8.43 41.78 35.24
C ILE E 143 9.39 40.70 35.69
N ASN E 144 10.10 40.94 36.79
CA ASN E 144 11.04 39.97 37.34
C ASN E 144 10.89 39.93 38.86
N VAL E 145 11.17 38.77 39.44
CA VAL E 145 10.98 38.53 40.88
C VAL E 145 12.19 37.78 41.43
N LYS E 146 12.65 38.23 42.59
CA LYS E 146 13.75 37.57 43.29
C LYS E 146 13.36 37.35 44.74
N TRP E 147 14.04 36.39 45.37
CA TRP E 147 13.79 36.03 46.76
C TRP E 147 15.06 36.17 47.58
N LYS E 148 14.90 36.46 48.87
CA LYS E 148 16.01 36.59 49.79
C LYS E 148 15.63 36.02 51.15
N ILE E 149 16.58 35.34 51.78
CA ILE E 149 16.39 34.76 53.11
C ILE E 149 17.44 35.36 54.04
N ASP E 150 16.99 36.06 55.08
CA ASP E 150 17.87 36.72 56.04
C ASP E 150 18.82 37.68 55.34
N GLY E 151 18.36 38.30 54.25
CA GLY E 151 19.19 39.19 53.46
C GLY E 151 20.12 38.49 52.49
N SER E 152 20.06 37.17 52.39
CA SER E 152 20.93 36.41 51.51
C SER E 152 20.16 35.98 50.26
N GLU E 153 20.76 36.20 49.09
CA GLU E 153 20.12 35.87 47.84
C GLU E 153 20.01 34.36 47.67
N ARG E 154 18.84 33.91 47.21
CA ARG E 154 18.60 32.51 46.90
C ARG E 154 17.86 32.41 45.57
N GLN E 155 18.26 31.45 44.74
CA GLN E 155 17.69 31.26 43.42
C GLN E 155 17.41 29.80 43.16
N ASN E 156 16.84 29.11 44.15
CA ASN E 156 16.54 27.69 44.02
C ASN E 156 15.18 27.40 44.63
N GLY E 157 14.42 26.51 44.00
CA GLY E 157 13.13 26.10 44.51
C GLY E 157 12.08 27.18 44.52
N VAL E 158 11.98 27.96 43.44
CA VAL E 158 10.99 29.03 43.31
C VAL E 158 10.13 28.74 42.09
N LEU E 159 8.82 28.81 42.26
CA LEU E 159 7.87 28.54 41.20
C LEU E 159 6.97 29.75 41.02
N ASN E 160 6.71 30.12 39.77
CA ASN E 160 5.95 31.30 39.44
C ASN E 160 4.82 30.97 38.48
N SER E 161 3.79 31.82 38.49
CA SER E 161 2.67 31.68 37.58
C SER E 161 2.13 33.08 37.27
N TRP E 162 1.43 33.18 36.16
CA TRP E 162 0.93 34.47 35.69
C TRP E 162 -0.52 34.33 35.24
N THR E 163 -1.21 35.47 35.21
CA THR E 163 -2.56 35.54 34.68
C THR E 163 -2.52 36.16 33.28
N ASP E 164 -3.40 35.68 32.41
CA ASP E 164 -3.57 36.31 31.12
C ASP E 164 -4.15 37.70 31.31
N GLN E 165 -3.86 38.59 30.36
CA GLN E 165 -4.29 39.98 30.45
C GLN E 165 -5.77 40.07 30.76
N ASP E 166 -6.10 40.69 31.89
CA ASP E 166 -7.48 40.76 32.34
C ASP E 166 -8.33 41.50 31.32
N SER E 167 -9.54 40.98 31.07
CA SER E 167 -10.43 41.60 30.10
C SER E 167 -10.96 42.94 30.60
N LYS E 168 -11.35 43.01 31.87
CA LYS E 168 -11.96 44.21 32.40
C LYS E 168 -10.97 45.33 32.68
N ASP E 169 -9.71 44.99 32.99
CA ASP E 169 -8.74 46.00 33.42
C ASP E 169 -7.46 46.04 32.59
N SER E 170 -7.19 45.02 31.77
CA SER E 170 -6.01 45.00 30.91
C SER E 170 -4.71 45.08 31.72
N THR E 171 -4.72 44.57 32.93
CA THR E 171 -3.51 44.46 33.75
C THR E 171 -3.17 42.98 33.95
N TYR E 172 -1.96 42.73 34.42
CA TYR E 172 -1.46 41.39 34.65
C TYR E 172 -1.28 41.16 36.15
N SER E 173 -0.98 39.91 36.49
CA SER E 173 -0.72 39.52 37.88
C SER E 173 0.35 38.44 37.90
N MET E 174 0.91 38.22 39.09
CA MET E 174 1.98 37.26 39.29
C MET E 174 1.88 36.67 40.69
N SER E 175 2.30 35.42 40.82
CA SER E 175 2.44 34.78 42.12
C SER E 175 3.74 34.00 42.15
N SER E 176 4.55 34.25 43.18
CA SER E 176 5.81 33.55 43.36
C SER E 176 5.79 32.84 44.70
N THR E 177 6.13 31.56 44.70
CA THR E 177 6.10 30.73 45.90
C THR E 177 7.46 30.11 46.13
N LEU E 178 7.90 30.13 47.38
CA LEU E 178 9.16 29.53 47.79
C LEU E 178 8.87 28.34 48.70
N THR E 179 9.41 27.18 48.33
CA THR E 179 9.19 25.94 49.06
C THR E 179 10.48 25.54 49.76
N LEU E 180 10.39 25.29 51.07
CA LEU E 180 11.55 24.91 51.88
C LEU E 180 11.17 23.75 52.78
N THR E 181 12.19 23.01 53.21
CA THR E 181 11.99 21.96 54.19
C THR E 181 11.82 22.56 55.58
N LYS E 182 11.26 21.76 56.48
CA LYS E 182 11.00 22.23 57.83
C LYS E 182 12.30 22.59 58.55
N ASP E 183 13.32 21.73 58.43
CA ASP E 183 14.58 21.97 59.12
C ASP E 183 15.30 23.20 58.58
N GLU E 184 15.31 23.40 57.27
CA GLU E 184 16.01 24.53 56.69
C GLU E 184 15.26 25.85 56.92
N TYR E 185 13.94 25.79 57.10
CA TYR E 185 13.18 27.01 57.34
C TYR E 185 13.38 27.51 58.76
N GLU E 186 13.44 26.60 59.73
CA GLU E 186 13.48 27.00 61.13
C GLU E 186 14.84 27.58 61.54
N ARG E 187 15.88 27.35 60.74
CA ARG E 187 17.22 27.83 61.08
C ARG E 187 17.46 29.26 60.62
N HIS E 188 16.49 29.90 59.98
CA HIS E 188 16.60 31.27 59.52
C HIS E 188 15.64 32.16 60.30
N ASN E 189 15.76 33.47 60.08
CA ASN E 189 15.04 34.46 60.86
C ASN E 189 14.02 35.25 60.04
N SER E 190 14.44 35.89 58.95
CA SER E 190 13.57 36.76 58.18
C SER E 190 13.58 36.35 56.71
N TYR E 191 12.48 36.65 56.03
CA TYR E 191 12.30 36.30 54.63
C TYR E 191 11.82 37.51 53.85
N THR E 192 12.29 37.61 52.60
CA THR E 192 12.12 38.82 51.81
C THR E 192 11.70 38.47 50.38
N CYS E 193 10.77 39.25 49.85
CA CYS E 193 10.33 39.15 48.46
C CYS E 193 10.73 40.42 47.73
N GLU E 194 11.41 40.26 46.59
CA GLU E 194 11.93 41.37 45.82
C GLU E 194 11.52 41.24 44.36
N ALA E 195 11.21 42.37 43.73
CA ALA E 195 10.76 42.35 42.34
C ALA E 195 11.14 43.65 41.66
N THR E 196 11.20 43.59 40.33
CA THR E 196 11.49 44.75 39.49
C THR E 196 10.49 44.78 38.35
N HIS E 197 10.24 45.99 37.84
CA HIS E 197 9.23 46.21 36.80
C HIS E 197 9.85 46.93 35.62
N LYS E 198 9.23 46.75 34.44
CA LYS E 198 9.76 47.34 33.22
C LYS E 198 9.73 48.86 33.27
N THR E 199 8.61 49.44 33.72
CA THR E 199 8.48 50.88 33.77
C THR E 199 8.70 51.45 35.17
N SER E 200 8.45 50.67 36.21
CA SER E 200 8.74 51.08 37.58
C SER E 200 10.22 50.79 37.85
N THR E 201 11.08 51.73 37.43
CA THR E 201 12.52 51.56 37.48
C THR E 201 13.05 51.81 38.90
N SER E 202 12.55 51.00 39.84
CA SER E 202 12.98 51.05 41.23
C SER E 202 12.54 49.76 41.89
N PRO E 203 13.42 49.08 42.63
CA PRO E 203 13.04 47.80 43.25
C PRO E 203 11.93 47.99 44.28
N ILE E 204 11.05 46.99 44.37
CA ILE E 204 9.98 46.95 45.36
C ILE E 204 10.24 45.74 46.25
N VAL E 205 10.34 45.98 47.56
CA VAL E 205 10.78 44.97 48.51
C VAL E 205 9.72 44.80 49.58
N LYS E 206 9.37 43.54 49.86
CA LYS E 206 8.48 43.19 50.96
C LYS E 206 9.12 42.08 51.77
N SER E 207 8.92 42.12 53.09
CA SER E 207 9.58 41.16 53.97
C SER E 207 8.71 40.92 55.20
N PHE E 208 9.02 39.84 55.90
CA PHE E 208 8.35 39.52 57.16
C PHE E 208 9.35 38.83 58.08
N ASN E 209 9.04 38.83 59.37
CA ASN E 209 9.91 38.26 60.39
C ASN E 209 9.16 37.18 61.18
N ARG E 210 9.91 36.29 61.79
CA ARG E 210 9.31 35.23 62.59
C ARG E 210 8.68 35.80 63.86
N ASN E 211 7.69 35.07 64.39
CA ASN E 211 6.96 35.47 65.59
C ASN E 211 6.28 36.82 65.42
N GLU E 212 5.89 37.15 64.20
CA GLU E 212 5.22 38.41 63.90
C GLU E 212 3.70 38.27 63.93
N CYS E 213 3.18 37.07 64.13
CA CYS E 213 1.73 36.85 64.14
C CYS E 213 1.32 35.98 65.33
N ASP F 1 2.34 1.69 -3.95
CA ASP F 1 1.71 0.42 -4.32
C ASP F 1 0.99 -0.20 -3.14
N ILE F 2 0.59 -1.47 -3.30
CA ILE F 2 -0.15 -2.20 -2.28
C ILE F 2 0.72 -3.31 -1.76
N GLN F 3 0.84 -3.40 -0.43
CA GLN F 3 1.62 -4.43 0.23
C GLN F 3 0.69 -5.52 0.73
N MET F 4 1.08 -6.77 0.51
CA MET F 4 0.27 -7.92 0.89
C MET F 4 1.05 -8.76 1.89
N THR F 5 0.41 -9.07 3.02
CA THR F 5 1.05 -9.78 4.12
C THR F 5 0.23 -11.00 4.47
N GLN F 6 0.89 -12.14 4.61
CA GLN F 6 0.26 -13.35 5.08
C GLN F 6 0.61 -13.54 6.56
N THR F 7 -0.37 -14.04 7.32
CA THR F 7 -0.25 -14.03 8.78
C THR F 7 0.94 -14.86 9.25
N THR F 8 1.07 -16.08 8.75
CA THR F 8 2.06 -17.02 9.24
C THR F 8 2.94 -17.52 8.10
N SER F 9 4.23 -17.70 8.40
CA SER F 9 5.16 -18.20 7.41
C SER F 9 4.99 -19.69 7.17
N SER F 10 4.69 -20.46 8.22
CA SER F 10 4.58 -21.91 8.14
C SER F 10 3.34 -22.36 8.89
N LEU F 11 2.79 -23.50 8.46
CA LEU F 11 1.63 -24.09 9.08
C LEU F 11 1.84 -25.59 9.26
N SER F 12 1.30 -26.12 10.34
CA SER F 12 1.38 -27.54 10.67
C SER F 12 -0.02 -28.15 10.60
N ALA F 13 -0.10 -29.36 10.05
CA ALA F 13 -1.39 -30.02 9.87
C ALA F 13 -1.16 -31.51 9.65
N SER F 14 -2.24 -32.26 9.66
CA SER F 14 -2.21 -33.70 9.43
C SER F 14 -3.24 -34.06 8.37
N LEU F 15 -3.03 -35.22 7.74
CA LEU F 15 -3.91 -35.65 6.64
C LEU F 15 -5.34 -35.76 7.11
N GLY F 16 -6.23 -35.04 6.42
CA GLY F 16 -7.62 -34.96 6.80
C GLY F 16 -8.01 -33.66 7.50
N ASP F 17 -7.03 -32.92 8.00
CA ASP F 17 -7.31 -31.64 8.65
C ASP F 17 -7.82 -30.62 7.64
N ARG F 18 -8.60 -29.65 8.13
CA ARG F 18 -9.10 -28.54 7.33
C ARG F 18 -8.29 -27.31 7.72
N VAL F 19 -7.55 -26.76 6.76
CA VAL F 19 -6.61 -25.69 7.05
C VAL F 19 -7.03 -24.42 6.33
N THR F 20 -6.59 -23.28 6.86
CA THR F 20 -6.92 -21.97 6.31
C THR F 20 -5.65 -21.14 6.18
N ILE F 21 -5.52 -20.46 5.05
CA ILE F 21 -4.44 -19.50 4.81
C ILE F 21 -5.09 -18.18 4.43
N SER F 22 -4.68 -17.09 5.08
CA SER F 22 -5.33 -15.80 4.89
C SER F 22 -4.32 -14.73 4.52
N CYS F 23 -4.64 -13.98 3.47
CA CYS F 23 -3.92 -12.79 3.04
C CYS F 23 -4.62 -11.54 3.54
N ARG F 24 -3.88 -10.44 3.63
CA ARG F 24 -4.45 -9.16 4.05
C ARG F 24 -3.76 -8.04 3.28
N ALA F 25 -4.55 -7.16 2.68
CA ALA F 25 -4.06 -6.11 1.82
C ALA F 25 -3.99 -4.79 2.56
N SER F 26 -2.95 -4.01 2.28
CA SER F 26 -2.81 -2.70 2.90
C SER F 26 -3.95 -1.77 2.50
N GLN F 27 -4.35 -1.82 1.23
CA GLN F 27 -5.39 -0.95 0.69
C GLN F 27 -6.43 -1.82 0.01
N GLY F 28 -7.67 -1.37 0.03
CA GLY F 28 -8.76 -2.14 -0.54
C GLY F 28 -8.57 -2.50 -2.00
N VAL F 29 -8.78 -3.77 -2.34
CA VAL F 29 -8.73 -4.23 -3.71
C VAL F 29 -10.10 -4.81 -4.04
N ASN F 30 -10.70 -4.32 -5.12
CA ASN F 30 -12.09 -4.62 -5.39
C ASN F 30 -12.23 -6.07 -5.83
N ASN F 31 -12.09 -6.98 -4.86
CA ASN F 31 -11.82 -8.40 -5.11
C ASN F 31 -10.49 -8.43 -5.87
N TYR F 32 -10.35 -9.19 -6.94
CA TYR F 32 -9.09 -9.30 -7.68
C TYR F 32 -7.97 -9.76 -6.76
N LEU F 33 -8.15 -10.95 -6.20
CA LEU F 33 -7.13 -11.62 -5.40
C LEU F 33 -7.01 -13.06 -5.86
N ASN F 34 -5.79 -13.52 -6.08
CA ASN F 34 -5.53 -14.84 -6.65
C ASN F 34 -4.60 -15.64 -5.74
N TRP F 35 -4.72 -16.96 -5.83
CA TRP F 35 -3.95 -17.89 -4.99
C TRP F 35 -3.20 -18.86 -5.90
N TYR F 36 -1.88 -18.90 -5.74
CA TYR F 36 -1.01 -19.80 -6.48
C TYR F 36 -0.39 -20.83 -5.55
N GLN F 37 0.01 -21.96 -6.11
CA GLN F 37 0.67 -23.03 -5.37
C GLN F 37 1.97 -23.39 -6.06
N GLN F 38 3.04 -23.50 -5.27
CA GLN F 38 4.36 -23.84 -5.78
C GLN F 38 4.82 -25.15 -5.14
N LYS F 39 4.99 -26.19 -5.95
CA LYS F 39 5.41 -27.49 -5.46
C LYS F 39 6.88 -27.44 -5.04
N PRO F 40 7.33 -28.43 -4.25
CA PRO F 40 8.75 -28.42 -3.84
C PRO F 40 9.74 -28.52 -4.97
N ASP F 41 9.35 -29.07 -6.13
CA ASP F 41 10.27 -29.12 -7.26
C ASP F 41 10.44 -27.75 -7.90
N GLY F 42 9.37 -26.93 -7.89
CA GLY F 42 9.51 -25.55 -8.32
C GLY F 42 8.49 -25.07 -9.34
N SER F 43 7.42 -25.83 -9.55
CA SER F 43 6.43 -25.49 -10.56
C SER F 43 5.27 -24.73 -9.91
N VAL F 44 5.00 -23.53 -10.43
CA VAL F 44 3.90 -22.70 -9.95
C VAL F 44 2.67 -22.97 -10.82
N LYS F 45 1.50 -22.89 -10.22
CA LYS F 45 0.26 -22.95 -10.97
C LYS F 45 -0.86 -22.31 -10.17
N LEU F 46 -1.80 -21.72 -10.89
CA LEU F 46 -2.92 -21.01 -10.28
C LEU F 46 -3.91 -21.97 -9.66
N LEU F 47 -4.53 -21.54 -8.57
CA LEU F 47 -5.58 -22.28 -7.91
C LEU F 47 -6.92 -21.57 -8.00
N ILE F 48 -6.98 -20.32 -7.54
CA ILE F 48 -8.23 -19.59 -7.41
C ILE F 48 -8.00 -18.14 -7.84
N TYR F 49 -8.90 -17.61 -8.66
CA TYR F 49 -8.82 -16.23 -9.12
C TYR F 49 -10.11 -15.49 -8.79
N TYR F 50 -9.99 -14.17 -8.66
CA TYR F 50 -11.13 -13.30 -8.36
C TYR F 50 -11.83 -13.72 -7.07
N THR F 51 -11.03 -14.26 -6.13
CA THR F 51 -11.50 -14.58 -4.75
C THR F 51 -12.37 -15.83 -4.61
N SER F 52 -13.00 -16.31 -5.67
CA SER F 52 -13.94 -17.42 -5.47
C SER F 52 -14.01 -18.40 -6.63
N ASN F 53 -13.21 -18.24 -7.68
CA ASN F 53 -13.33 -19.05 -8.88
C ASN F 53 -12.18 -20.04 -8.97
N LEU F 54 -12.51 -21.29 -9.23
CA LEU F 54 -11.51 -22.33 -9.41
C LEU F 54 -10.95 -22.29 -10.82
N HIS F 55 -9.68 -22.66 -10.95
CA HIS F 55 -9.07 -22.79 -12.27
C HIS F 55 -9.59 -24.05 -12.94
N SER F 56 -9.04 -24.36 -14.12
CA SER F 56 -9.53 -25.50 -14.89
C SER F 56 -9.27 -26.82 -14.16
N GLY F 57 -8.05 -27.01 -13.66
CA GLY F 57 -7.68 -28.32 -13.16
C GLY F 57 -7.47 -28.40 -11.67
N ALA F 58 -7.73 -27.31 -10.96
CA ALA F 58 -7.53 -27.29 -9.51
C ALA F 58 -8.49 -28.27 -8.84
N PRO F 59 -8.02 -29.11 -7.92
CA PRO F 59 -8.92 -30.04 -7.24
C PRO F 59 -10.00 -29.31 -6.46
N SER F 60 -11.15 -29.97 -6.31
CA SER F 60 -12.32 -29.35 -5.71
C SER F 60 -12.14 -29.02 -4.23
N ARG F 61 -11.11 -29.55 -3.58
CA ARG F 61 -10.95 -29.37 -2.14
C ARG F 61 -10.33 -28.02 -1.77
N PHE F 62 -10.30 -27.07 -2.69
CA PHE F 62 -9.86 -25.71 -2.43
C PHE F 62 -11.02 -24.74 -2.56
N SER F 63 -11.05 -23.72 -1.70
CA SER F 63 -12.08 -22.70 -1.76
C SER F 63 -11.52 -21.39 -1.27
N GLY F 64 -12.17 -20.29 -1.65
CA GLY F 64 -11.72 -18.97 -1.26
C GLY F 64 -12.90 -18.07 -0.93
N SER F 65 -12.61 -17.01 -0.20
CA SER F 65 -13.64 -16.08 0.27
C SER F 65 -12.97 -14.82 0.79
N GLY F 66 -13.77 -13.78 0.96
CA GLY F 66 -13.28 -12.53 1.51
C GLY F 66 -13.77 -11.32 0.75
N SER F 67 -13.41 -10.14 1.23
CA SER F 67 -13.72 -8.87 0.58
C SER F 67 -12.97 -7.78 1.33
N GLY F 68 -13.06 -6.56 0.82
CA GLY F 68 -12.39 -5.44 1.44
C GLY F 68 -10.89 -5.57 1.43
N THR F 69 -10.30 -5.81 2.60
CA THR F 69 -8.86 -6.05 2.71
C THR F 69 -8.55 -7.33 3.48
N ASP F 70 -9.49 -8.27 3.52
CA ASP F 70 -9.26 -9.53 4.21
C ASP F 70 -9.77 -10.68 3.34
N TYR F 71 -8.90 -11.63 3.04
CA TYR F 71 -9.23 -12.77 2.20
C TYR F 71 -8.58 -14.02 2.79
N SER F 72 -9.08 -15.18 2.40
CA SER F 72 -8.54 -16.42 2.96
C SER F 72 -8.76 -17.57 1.99
N LEU F 73 -7.90 -18.59 2.10
CA LEU F 73 -7.99 -19.81 1.32
C LEU F 73 -8.18 -21.00 2.25
N THR F 74 -9.07 -21.91 1.87
CA THR F 74 -9.47 -23.02 2.72
C THR F 74 -9.28 -24.34 1.97
N ILE F 75 -8.63 -25.30 2.62
CA ILE F 75 -8.49 -26.65 2.11
C ILE F 75 -9.33 -27.56 2.99
N SER F 76 -10.26 -28.30 2.38
CA SER F 76 -11.21 -29.08 3.16
C SER F 76 -10.53 -30.20 3.94
N ASN F 77 -9.66 -30.96 3.28
CA ASN F 77 -8.99 -32.07 3.95
C ASN F 77 -7.67 -32.30 3.24
N LEU F 78 -6.57 -32.18 3.98
CA LEU F 78 -5.24 -32.32 3.38
C LEU F 78 -5.06 -33.68 2.74
N GLU F 79 -4.41 -33.68 1.59
CA GLU F 79 -3.81 -34.87 1.00
C GLU F 79 -2.30 -34.66 0.94
N GLN F 80 -1.59 -35.71 0.52
CA GLN F 80 -0.14 -35.58 0.41
C GLN F 80 0.23 -34.65 -0.73
N GLU F 81 -0.60 -34.57 -1.77
CA GLU F 81 -0.32 -33.70 -2.90
C GLU F 81 -0.43 -32.23 -2.55
N ASP F 82 -0.94 -31.89 -1.37
CA ASP F 82 -1.19 -30.52 -0.97
C ASP F 82 -0.09 -29.96 -0.07
N ILE F 83 1.08 -30.56 -0.07
CA ILE F 83 2.21 -30.06 0.70
C ILE F 83 3.04 -29.18 -0.22
N ALA F 84 2.93 -27.87 -0.06
CA ALA F 84 3.57 -26.91 -0.96
C ALA F 84 3.53 -25.53 -0.31
N THR F 85 3.88 -24.51 -1.09
CA THR F 85 3.79 -23.12 -0.69
C THR F 85 2.62 -22.47 -1.42
N TYR F 86 2.00 -21.48 -0.78
CA TYR F 86 0.80 -20.84 -1.29
C TYR F 86 0.98 -19.33 -1.24
N PHE F 87 0.77 -18.67 -2.38
CA PHE F 87 0.98 -17.24 -2.52
C PHE F 87 -0.33 -16.54 -2.86
N CYS F 88 -0.44 -15.28 -2.45
CA CYS F 88 -1.55 -14.41 -2.81
C CYS F 88 -1.02 -13.22 -3.60
N GLN F 89 -1.86 -12.76 -4.55
CA GLN F 89 -1.44 -11.65 -5.44
C GLN F 89 -2.63 -10.75 -5.80
N GLN F 90 -2.49 -9.44 -5.62
CA GLN F 90 -3.52 -8.46 -5.98
C GLN F 90 -3.34 -8.01 -7.42
N ALA F 91 -4.44 -7.73 -8.09
CA ALA F 91 -4.41 -7.21 -9.44
C ALA F 91 -5.39 -6.06 -9.61
N ASN F 92 -5.47 -5.19 -8.61
CA ASN F 92 -6.31 -4.01 -8.70
C ASN F 92 -5.55 -2.76 -9.12
N MET F 93 -4.24 -2.76 -8.96
CA MET F 93 -3.42 -1.62 -9.35
C MET F 93 -2.07 -2.13 -9.82
N VAL F 94 -1.45 -1.37 -10.71
CA VAL F 94 -0.13 -1.70 -11.23
C VAL F 94 0.90 -0.95 -10.40
N PRO F 95 1.99 -1.59 -9.95
CA PRO F 95 2.41 -2.98 -10.19
C PRO F 95 1.69 -4.02 -9.36
N TRP F 96 1.46 -5.20 -9.94
CA TRP F 96 0.92 -6.31 -9.19
C TRP F 96 1.92 -6.76 -8.12
N THR F 97 1.41 -7.12 -6.95
CA THR F 97 2.25 -7.48 -5.81
C THR F 97 1.83 -8.83 -5.26
N PHE F 98 2.76 -9.47 -4.56
CA PHE F 98 2.63 -10.85 -4.13
C PHE F 98 2.67 -10.97 -2.62
N GLY F 99 2.06 -12.04 -2.10
CA GLY F 99 2.17 -12.35 -0.69
C GLY F 99 3.46 -13.09 -0.36
N GLY F 100 3.73 -13.20 0.94
CA GLY F 100 5.00 -13.73 1.39
C GLY F 100 5.14 -15.23 1.25
N GLY F 101 4.04 -15.96 1.21
CA GLY F 101 4.06 -17.40 1.08
C GLY F 101 3.84 -18.11 2.40
N THR F 102 3.13 -19.24 2.33
CA THR F 102 2.86 -20.07 3.49
C THR F 102 3.15 -21.52 3.14
N LYS F 103 4.18 -22.09 3.77
CA LYS F 103 4.55 -23.48 3.55
C LYS F 103 3.78 -24.38 4.50
N LEU F 104 3.46 -25.58 4.04
CA LEU F 104 2.66 -26.54 4.79
C LEU F 104 3.51 -27.71 5.22
N GLU F 105 3.40 -28.09 6.49
CA GLU F 105 4.14 -29.20 7.08
C GLU F 105 3.19 -30.33 7.45
N ILE F 106 3.73 -31.54 7.53
CA ILE F 106 2.99 -32.66 8.09
C ILE F 106 3.31 -32.77 9.57
N LYS F 107 2.26 -32.90 10.39
CA LYS F 107 2.40 -32.93 11.84
C LYS F 107 2.84 -34.31 12.29
N ARG F 108 3.77 -34.36 13.24
CA ARG F 108 4.24 -35.62 13.78
C ARG F 108 4.74 -35.40 15.20
N ALA F 109 5.01 -36.50 15.89
CA ALA F 109 5.49 -36.45 17.27
C ALA F 109 6.88 -35.82 17.32
N ASP F 110 7.22 -35.27 18.48
CA ASP F 110 8.50 -34.60 18.64
C ASP F 110 9.65 -35.61 18.61
N ALA F 111 10.86 -35.07 18.46
CA ALA F 111 12.07 -35.88 18.44
C ALA F 111 13.24 -35.02 18.93
N ALA F 112 14.42 -35.61 18.94
CA ALA F 112 15.63 -34.94 19.39
C ALA F 112 16.74 -35.17 18.37
N PRO F 113 17.62 -34.19 18.19
CA PRO F 113 18.70 -34.35 17.21
C PRO F 113 19.73 -35.38 17.64
N THR F 114 20.30 -36.05 16.65
CA THR F 114 21.41 -36.98 16.85
C THR F 114 22.71 -36.26 16.48
N VAL F 115 23.18 -35.43 17.40
CA VAL F 115 24.35 -34.61 17.13
C VAL F 115 25.59 -35.48 16.95
N SER F 116 26.42 -35.13 15.97
CA SER F 116 27.69 -35.79 15.75
C SER F 116 28.72 -34.73 15.36
N ILE F 117 29.99 -35.05 15.60
CA ILE F 117 31.09 -34.15 15.30
C ILE F 117 32.20 -34.95 14.65
N PHE F 118 33.02 -34.29 13.83
CA PHE F 118 34.11 -34.93 13.12
C PHE F 118 35.35 -34.05 13.13
N PRO F 119 36.54 -34.64 13.09
CA PRO F 119 37.76 -33.86 13.01
C PRO F 119 38.14 -33.59 11.58
N PRO F 120 39.01 -32.61 11.33
CA PRO F 120 39.48 -32.39 9.95
C PRO F 120 40.21 -33.61 9.43
N SER F 121 40.02 -33.90 8.15
CA SER F 121 40.57 -35.10 7.56
C SER F 121 42.06 -34.93 7.28
N SER F 122 42.72 -36.04 6.98
CA SER F 122 44.16 -36.02 6.74
C SER F 122 44.50 -35.17 5.52
N GLU F 123 43.70 -35.27 4.45
CA GLU F 123 43.95 -34.48 3.26
C GLU F 123 43.82 -32.99 3.54
N GLN F 124 42.82 -32.61 4.34
CA GLN F 124 42.67 -31.21 4.73
C GLN F 124 43.90 -30.72 5.46
N LEU F 125 44.42 -31.54 6.38
CA LEU F 125 45.64 -31.17 7.10
C LEU F 125 46.82 -31.04 6.15
N THR F 126 46.91 -31.93 5.16
CA THR F 126 47.99 -31.83 4.18
C THR F 126 47.91 -30.53 3.39
N SER F 127 46.71 -30.13 2.99
CA SER F 127 46.53 -28.88 2.26
C SER F 127 46.27 -27.69 3.17
N GLY F 128 46.07 -27.91 4.47
CA GLY F 128 45.81 -26.83 5.40
C GLY F 128 44.36 -26.42 5.52
N GLY F 129 43.46 -26.98 4.71
CA GLY F 129 42.07 -26.58 4.74
C GLY F 129 41.25 -27.27 5.81
N ALA F 130 41.50 -26.93 7.07
CA ALA F 130 40.78 -27.54 8.17
C ALA F 130 39.30 -27.20 8.11
N SER F 131 38.45 -28.19 8.35
CA SER F 131 37.01 -27.98 8.35
C SER F 131 36.37 -29.05 9.24
N VAL F 132 35.79 -28.60 10.35
CA VAL F 132 35.06 -29.49 11.25
C VAL F 132 33.58 -29.42 10.91
N VAL F 133 32.95 -30.59 10.77
CA VAL F 133 31.57 -30.69 10.34
C VAL F 133 30.75 -31.29 11.48
N CYS F 134 29.57 -30.71 11.70
CA CYS F 134 28.66 -31.15 12.74
C CYS F 134 27.34 -31.52 12.10
N PHE F 135 26.85 -32.72 12.38
CA PHE F 135 25.61 -33.22 11.81
C PHE F 135 24.53 -33.28 12.87
N LEU F 136 23.29 -32.99 12.47
CA LEU F 136 22.13 -33.04 13.35
C LEU F 136 21.00 -33.68 12.55
N ASN F 137 20.69 -34.93 12.84
CA ASN F 137 19.84 -35.75 11.99
C ASN F 137 18.52 -36.08 12.65
N ASN F 138 17.44 -35.98 11.88
CA ASN F 138 16.13 -36.53 12.22
C ASN F 138 15.58 -35.94 13.52
N PHE F 139 15.34 -34.63 13.48
CA PHE F 139 14.78 -33.91 14.63
C PHE F 139 13.52 -33.17 14.22
N TYR F 140 12.71 -32.83 15.23
CA TYR F 140 11.45 -32.11 15.07
C TYR F 140 11.28 -31.22 16.28
N PRO F 141 10.77 -29.98 16.13
CA PRO F 141 10.40 -29.29 14.89
C PRO F 141 11.58 -28.62 14.20
N LYS F 142 11.33 -27.91 13.09
CA LYS F 142 12.43 -27.49 12.22
C LYS F 142 13.33 -26.46 12.89
N ASP F 143 12.77 -25.63 13.76
CA ASP F 143 13.56 -24.56 14.37
C ASP F 143 14.61 -25.14 15.33
N ILE F 144 15.82 -24.61 15.25
CA ILE F 144 16.93 -25.07 16.08
C ILE F 144 18.00 -23.99 16.05
N ASN F 145 18.85 -23.97 17.08
CA ASN F 145 19.96 -23.05 17.15
C ASN F 145 21.26 -23.84 17.27
N VAL F 146 22.32 -23.30 16.68
CA VAL F 146 23.64 -23.93 16.73
C VAL F 146 24.67 -22.86 17.06
N LYS F 147 25.49 -23.12 18.07
CA LYS F 147 26.53 -22.19 18.50
C LYS F 147 27.82 -22.97 18.76
N TRP F 148 28.90 -22.56 18.10
CA TRP F 148 30.15 -23.31 18.16
C TRP F 148 31.00 -22.85 19.34
N LYS F 149 32.02 -23.65 19.63
CA LYS F 149 32.91 -23.41 20.76
C LYS F 149 34.34 -23.78 20.40
N ILE F 150 35.28 -22.95 20.84
CA ILE F 150 36.71 -23.22 20.68
C ILE F 150 37.37 -23.06 22.04
N ASP F 151 38.01 -24.12 22.53
CA ASP F 151 38.69 -24.12 23.82
C ASP F 151 37.77 -23.65 24.94
N GLY F 152 36.48 -23.99 24.83
CA GLY F 152 35.46 -23.51 25.73
C GLY F 152 34.87 -22.17 25.33
N SER F 153 35.66 -21.29 24.73
CA SER F 153 35.17 -20.00 24.29
C SER F 153 34.35 -20.14 23.01
N GLU F 154 33.43 -19.20 22.82
CA GLU F 154 32.54 -19.22 21.68
C GLU F 154 33.25 -18.69 20.42
N ARG F 155 32.69 -19.04 19.26
CA ARG F 155 33.17 -18.54 17.99
C ARG F 155 31.97 -18.18 17.12
N GLN F 156 32.07 -17.04 16.43
CA GLN F 156 30.98 -16.54 15.59
C GLN F 156 31.54 -16.05 14.26
N ASN F 157 32.42 -16.83 13.65
CA ASN F 157 33.01 -16.45 12.38
C ASN F 157 33.26 -17.70 11.54
N GLY F 158 33.13 -17.55 10.23
CA GLY F 158 33.44 -18.63 9.29
C GLY F 158 32.60 -19.87 9.45
N VAL F 159 31.29 -19.70 9.67
CA VAL F 159 30.38 -20.81 9.92
C VAL F 159 29.37 -20.84 8.78
N LEU F 160 29.17 -22.02 8.20
CA LEU F 160 28.22 -22.20 7.10
C LEU F 160 27.12 -23.16 7.54
N ASN F 161 25.87 -22.72 7.39
CA ASN F 161 24.71 -23.45 7.86
C ASN F 161 23.91 -23.94 6.67
N SER F 162 23.35 -25.14 6.78
CA SER F 162 22.57 -25.73 5.70
C SER F 162 21.53 -26.66 6.29
N TRP F 163 20.27 -26.50 5.84
CA TRP F 163 19.15 -27.28 6.34
C TRP F 163 18.51 -28.05 5.21
N THR F 164 18.17 -29.32 5.46
CA THR F 164 17.39 -30.05 4.48
C THR F 164 15.92 -29.64 4.59
N ASP F 165 15.12 -30.10 3.63
CA ASP F 165 13.69 -29.91 3.71
C ASP F 165 13.10 -31.01 4.60
N GLN F 166 11.78 -31.00 4.76
CA GLN F 166 11.13 -32.04 5.54
C GLN F 166 11.20 -33.37 4.82
N ASP F 167 11.56 -34.42 5.57
CA ASP F 167 11.66 -35.75 4.99
C ASP F 167 10.27 -36.27 4.64
N SER F 168 10.19 -37.02 3.54
CA SER F 168 8.92 -37.47 3.00
C SER F 168 8.49 -38.82 3.55
N LYS F 169 9.32 -39.46 4.37
CA LYS F 169 8.97 -40.73 4.99
C LYS F 169 8.90 -40.65 6.50
N ASP F 170 9.88 -40.02 7.14
CA ASP F 170 9.93 -39.91 8.58
C ASP F 170 9.48 -38.54 9.09
N SER F 171 9.41 -37.54 8.21
CA SER F 171 8.82 -36.23 8.50
C SER F 171 9.62 -35.46 9.55
N THR F 172 10.91 -35.70 9.64
CA THR F 172 11.81 -34.88 10.43
C THR F 172 12.81 -34.17 9.54
N TYR F 173 13.37 -33.10 10.08
CA TYR F 173 14.31 -32.27 9.35
C TYR F 173 15.73 -32.72 9.65
N SER F 174 16.70 -31.93 9.18
CA SER F 174 18.10 -32.19 9.47
C SER F 174 18.88 -30.92 9.22
N MET F 175 20.14 -30.92 9.63
CA MET F 175 20.98 -29.75 9.55
C MET F 175 22.44 -30.19 9.53
N SER F 176 23.31 -29.27 9.11
CA SER F 176 24.74 -29.51 9.13
C SER F 176 25.46 -28.18 9.11
N SER F 177 26.36 -27.99 10.07
CA SER F 177 27.14 -26.76 10.19
C SER F 177 28.61 -27.07 10.01
N THR F 178 29.28 -26.30 9.15
CA THR F 178 30.68 -26.49 8.84
C THR F 178 31.46 -25.27 9.30
N LEU F 179 32.52 -25.49 10.07
CA LEU F 179 33.37 -24.42 10.59
C LEU F 179 34.72 -24.49 9.87
N THR F 180 34.91 -23.63 8.89
CA THR F 180 36.15 -23.61 8.14
C THR F 180 37.26 -22.98 8.97
N LEU F 181 38.41 -23.63 9.00
CA LEU F 181 39.57 -23.16 9.74
C LEU F 181 40.82 -23.23 8.88
N THR F 182 41.69 -22.24 9.07
CA THR F 182 43.01 -22.30 8.46
C THR F 182 43.92 -23.18 9.30
N LYS F 183 45.04 -23.59 8.69
CA LYS F 183 45.96 -24.50 9.36
C LYS F 183 46.57 -23.86 10.61
N ASP F 184 46.93 -22.58 10.52
CA ASP F 184 47.58 -21.92 11.65
C ASP F 184 46.63 -21.81 12.84
N GLU F 185 45.37 -21.44 12.58
CA GLU F 185 44.42 -21.26 13.68
C GLU F 185 43.91 -22.58 14.22
N TYR F 186 43.89 -23.63 13.41
CA TYR F 186 43.43 -24.94 13.89
C TYR F 186 44.41 -25.51 14.91
N GLU F 187 45.70 -25.37 14.68
CA GLU F 187 46.72 -25.96 15.54
C GLU F 187 47.08 -25.09 16.74
N ARG F 188 46.56 -23.87 16.81
CA ARG F 188 46.81 -22.99 17.95
C ARG F 188 45.73 -23.09 19.02
N HIS F 189 44.77 -24.00 18.86
CA HIS F 189 43.71 -24.20 19.83
C HIS F 189 43.66 -25.66 20.24
N ASN F 190 43.03 -25.92 21.38
CA ASN F 190 43.09 -27.23 22.01
C ASN F 190 41.95 -28.15 21.56
N SER F 191 40.71 -27.76 21.82
CA SER F 191 39.57 -28.64 21.59
C SER F 191 38.43 -27.85 20.95
N TYR F 192 37.41 -28.60 20.52
CA TYR F 192 36.23 -28.02 19.89
C TYR F 192 34.99 -28.78 20.35
N THR F 193 33.84 -28.12 20.27
CA THR F 193 32.58 -28.73 20.68
C THR F 193 31.44 -28.05 19.93
N CYS F 194 30.44 -28.84 19.57
CA CYS F 194 29.30 -28.38 18.76
C CYS F 194 28.05 -28.42 19.64
N GLU F 195 27.69 -27.27 20.20
CA GLU F 195 26.56 -27.14 21.10
C GLU F 195 25.34 -26.64 20.34
N ALA F 196 24.23 -27.37 20.45
CA ALA F 196 23.03 -27.03 19.69
C ALA F 196 21.80 -27.56 20.42
N ARG F 197 20.87 -26.65 20.74
CA ARG F 197 19.62 -27.03 21.38
C ARG F 197 18.44 -26.25 20.78
#